data_1O6V
#
_entry.id   1O6V
#
_cell.length_a   85.589
_cell.length_b   67.907
_cell.length_c   154.251
_cell.angle_alpha   90.00
_cell.angle_beta   103.48
_cell.angle_gamma   90.00
#
_symmetry.space_group_name_H-M   'C 1 2 1'
#
loop_
_entity.id
_entity.type
_entity.pdbx_description
1 polymer 'INTERNALIN A'
2 non-polymer 'CALCIUM ION'
3 water water
#
_entity_poly.entity_id   1
_entity_poly.type   'polypeptide(L)'
_entity_poly.pdbx_seq_one_letter_code
;GPLGSATITQDTPINQIFTDTALAEKMKTVLGKTNVTDTVSQTDLDQVTTLQADRLGIKSIDGVEYLNNLTQINFSNNQL
TDITPLKNLTKLVDILMNNNQIADITPLANLTNLTGLTLFNNQITDIDPLKNLTNLNRLELSSNTISDISALSGLTSLQQ
LSFGNQVTDLKPLANLTTLERLDISSNKVSDISVLAKLTNLESLIATNNQISDITPLGILTNLDELSLNGNQLKDIGTLA
SLTNLTDLDLANNQISNLAPLSGLTKLTELKLGANQISNISPLAGLTALTNLELNENQLEDISPISNLKNLTYLTLYFNN
ISDISPVSSLTKLQRLFFYNNKVSDVSSLANLTNINWLSAGHNQISDLTPLANLTRITQLGLNDQAWTNAPVNYKANVSI
PNTVKNVTGALIAPATISDGGSYTEPDITWNLPSYTNEVSYTFSQPVTIGKGTTTFSGTVTQPLKA
;
_entity_poly.pdbx_strand_id   A,B
#
loop_
_chem_comp.id
_chem_comp.type
_chem_comp.name
_chem_comp.formula
CA non-polymer 'CALCIUM ION' 'Ca 2'
#
# COMPACT_ATOMS: atom_id res chain seq x y z
C LEU A 3 15.95 15.33 -25.28
N GLY A 4 15.42 14.15 -24.95
CA GLY A 4 16.16 13.15 -24.16
C GLY A 4 15.95 13.32 -22.66
N SER A 5 15.04 14.25 -22.27
CA SER A 5 14.71 14.53 -20.85
C SER A 5 13.25 14.80 -20.73
N ALA A 6 12.60 14.12 -19.77
CA ALA A 6 11.22 14.41 -19.41
C ALA A 6 11.23 15.35 -18.22
N THR A 7 10.48 16.45 -18.31
CA THR A 7 10.39 17.39 -17.20
C THR A 7 8.95 17.81 -16.92
N ILE A 8 8.72 18.15 -15.66
CA ILE A 8 7.50 18.83 -15.29
C ILE A 8 7.75 20.33 -15.29
N THR A 9 6.73 21.04 -15.74
CA THR A 9 6.71 22.48 -15.93
C THR A 9 6.17 23.21 -14.68
N GLN A 10 5.34 22.51 -13.89
N GLN A 10 5.32 22.51 -13.90
CA GLN A 10 4.86 23.04 -12.60
CA GLN A 10 4.76 23.02 -12.64
C GLN A 10 4.93 21.96 -11.55
C GLN A 10 4.92 21.95 -11.57
N ASP A 11 4.97 22.37 -10.30
CA ASP A 11 4.99 21.44 -9.17
C ASP A 11 3.78 20.47 -9.27
N THR A 12 4.04 19.17 -9.03
CA THR A 12 3.11 18.13 -9.34
C THR A 12 3.08 17.09 -8.24
N PRO A 13 1.91 16.62 -7.81
CA PRO A 13 1.88 15.55 -6.82
C PRO A 13 2.65 14.32 -7.25
N ILE A 14 3.31 13.74 -6.29
CA ILE A 14 4.16 12.56 -6.54
C ILE A 14 3.32 11.45 -7.19
N ASN A 15 2.06 11.26 -6.72
CA ASN A 15 1.22 10.17 -7.22
C ASN A 15 0.66 10.39 -8.64
N GLN A 16 0.89 11.60 -9.21
N GLN A 16 0.85 11.59 -9.21
CA GLN A 16 0.55 11.90 -10.59
CA GLN A 16 0.51 11.80 -10.61
C GLN A 16 1.77 11.75 -11.53
C GLN A 16 1.71 11.45 -11.50
N ILE A 17 2.95 11.56 -10.95
CA ILE A 17 4.18 11.28 -11.72
C ILE A 17 4.43 9.78 -11.68
N PHE A 18 4.44 9.24 -10.47
CA PHE A 18 4.71 7.80 -10.23
C PHE A 18 3.41 7.17 -9.95
N THR A 19 2.83 6.58 -10.98
CA THR A 19 1.43 6.06 -10.90
C THR A 19 1.33 4.74 -10.20
N ASP A 20 2.44 4.00 -10.12
CA ASP A 20 2.46 2.79 -9.34
C ASP A 20 2.45 3.14 -7.86
N THR A 21 1.50 2.54 -7.11
N THR A 21 1.54 2.56 -7.08
CA THR A 21 1.31 2.77 -5.70
CA THR A 21 1.37 2.97 -5.66
C THR A 21 2.61 2.61 -4.92
C THR A 21 2.55 2.56 -4.77
N ALA A 22 3.26 1.47 -5.12
CA ALA A 22 4.49 1.15 -4.41
C ALA A 22 5.61 2.09 -4.75
N LEU A 23 5.77 2.41 -6.01
CA LEU A 23 6.83 3.32 -6.38
C LEU A 23 6.55 4.72 -5.84
N ALA A 24 5.32 5.13 -5.82
CA ALA A 24 5.00 6.48 -5.29
C ALA A 24 5.36 6.61 -3.85
N GLU A 25 5.08 5.57 -3.09
CA GLU A 25 5.39 5.53 -1.69
C GLU A 25 6.92 5.59 -1.45
N LYS A 26 7.68 4.86 -2.28
N LYS A 26 7.68 4.87 -2.30
CA LYS A 26 9.09 4.90 -2.25
CA LYS A 26 9.12 4.88 -2.26
C LYS A 26 9.60 6.30 -2.60
C LYS A 26 9.65 6.26 -2.61
N MET A 27 9.06 6.90 -3.64
CA MET A 27 9.54 8.21 -4.11
C MET A 27 9.23 9.32 -3.09
N LYS A 28 8.14 9.16 -2.35
N LYS A 28 8.11 9.16 -2.37
CA LYS A 28 7.78 10.11 -1.31
CA LYS A 28 7.75 10.04 -1.26
C LYS A 28 8.94 10.16 -0.27
C LYS A 28 8.94 10.14 -0.31
N THR A 29 9.43 8.99 0.13
CA THR A 29 10.57 8.92 1.07
C THR A 29 11.86 9.50 0.42
N VAL A 30 12.16 9.08 -0.79
CA VAL A 30 13.35 9.57 -1.54
C VAL A 30 13.36 11.10 -1.67
N LEU A 31 12.17 11.68 -1.91
CA LEU A 31 12.03 13.09 -2.17
C LEU A 31 11.77 13.91 -0.92
N GLY A 32 11.70 13.24 0.23
CA GLY A 32 11.62 13.92 1.52
C GLY A 32 10.26 14.54 1.78
N LYS A 33 9.21 13.92 1.22
CA LYS A 33 7.85 14.38 1.42
C LYS A 33 7.11 13.50 2.42
N THR A 34 5.98 13.93 2.90
N THR A 34 5.96 13.97 2.90
CA THR A 34 5.28 13.19 3.96
CA THR A 34 5.16 13.22 3.92
C THR A 34 4.00 12.59 3.45
C THR A 34 4.05 12.39 3.31
N ASN A 35 3.70 12.79 2.18
N ASN A 35 3.53 12.85 2.20
CA ASN A 35 2.53 12.15 1.59
CA ASN A 35 2.41 12.17 1.54
C ASN A 35 2.65 12.04 0.08
C ASN A 35 2.66 12.02 0.08
N VAL A 36 2.10 10.95 -0.52
CA VAL A 36 2.17 10.75 -1.99
C VAL A 36 1.40 11.81 -2.79
N THR A 37 0.47 12.54 -2.12
CA THR A 37 -0.21 13.67 -2.74
C THR A 37 0.60 14.98 -2.69
N ASP A 38 1.72 15.01 -1.94
CA ASP A 38 2.52 16.18 -1.92
C ASP A 38 3.14 16.50 -3.27
N THR A 39 3.27 17.76 -3.58
CA THR A 39 3.87 18.17 -4.81
C THR A 39 5.35 18.14 -4.73
N VAL A 40 5.96 17.86 -5.89
CA VAL A 40 7.38 18.02 -6.09
C VAL A 40 7.65 18.85 -7.30
N SER A 41 8.83 19.48 -7.34
N SER A 41 8.85 19.43 -7.32
CA SER A 41 9.26 20.25 -8.51
CA SER A 41 9.34 20.25 -8.40
C SER A 41 10.25 19.45 -9.31
C SER A 41 10.27 19.45 -9.28
N GLN A 42 10.58 19.95 -10.50
CA GLN A 42 11.58 19.29 -11.33
C GLN A 42 12.95 19.34 -10.64
N THR A 43 13.23 20.44 -9.94
CA THR A 43 14.45 20.58 -9.12
C THR A 43 14.57 19.44 -8.10
N ASP A 44 13.45 19.13 -7.44
N ASP A 44 13.46 19.11 -7.42
CA ASP A 44 13.38 18.01 -6.50
CA ASP A 44 13.44 17.99 -6.46
C ASP A 44 13.80 16.72 -7.18
C ASP A 44 13.79 16.69 -7.16
N LEU A 45 13.20 16.49 -8.36
CA LEU A 45 13.42 15.27 -9.16
C LEU A 45 14.86 15.19 -9.63
N ASP A 46 15.44 16.34 -10.00
CA ASP A 46 16.82 16.39 -10.49
C ASP A 46 17.86 15.96 -9.45
N GLN A 47 17.49 15.94 -8.18
N GLN A 47 17.47 15.93 -8.17
CA GLN A 47 18.47 15.58 -7.13
CA GLN A 47 18.39 15.54 -7.09
C GLN A 47 18.58 14.04 -6.92
C GLN A 47 18.68 14.06 -7.08
N VAL A 48 17.76 13.26 -7.65
CA VAL A 48 17.80 11.80 -7.51
C VAL A 48 18.77 11.21 -8.54
N THR A 49 19.89 10.69 -8.05
CA THR A 49 20.92 10.06 -8.95
C THR A 49 21.02 8.54 -8.80
N THR A 50 20.51 8.00 -7.71
N THR A 50 20.56 8.00 -7.67
N THR A 50 20.51 8.01 -7.67
CA THR A 50 20.43 6.54 -7.52
CA THR A 50 20.39 6.56 -7.52
CA THR A 50 20.47 6.58 -7.36
C THR A 50 19.13 6.19 -6.87
C THR A 50 19.02 6.25 -7.02
C THR A 50 19.05 6.24 -6.93
N LEU A 51 18.59 5.01 -7.21
CA LEU A 51 17.31 4.57 -6.74
C LEU A 51 17.41 3.07 -6.43
N GLN A 52 17.25 2.73 -5.16
N GLN A 52 17.25 2.73 -5.16
N GLN A 52 17.24 2.73 -5.16
CA GLN A 52 17.24 1.34 -4.71
CA GLN A 52 17.24 1.34 -4.70
CA GLN A 52 17.26 1.34 -4.69
C GLN A 52 15.81 0.98 -4.40
C GLN A 52 15.81 0.97 -4.39
C GLN A 52 15.82 0.92 -4.37
N ALA A 53 15.14 0.35 -5.37
CA ALA A 53 13.71 0.06 -5.30
C ALA A 53 13.43 -1.43 -5.53
N ASP A 54 14.31 -2.24 -5.01
CA ASP A 54 14.17 -3.67 -5.11
C ASP A 54 13.12 -4.20 -4.13
N ARG A 55 12.43 -5.28 -4.53
N ARG A 55 12.38 -5.23 -4.55
CA ARG A 55 11.45 -5.98 -3.71
CA ARG A 55 11.51 -5.99 -3.65
C ARG A 55 10.50 -5.00 -3.06
C ARG A 55 10.37 -5.13 -3.05
N LEU A 56 9.75 -4.33 -3.90
CA LEU A 56 8.67 -3.40 -3.44
C LEU A 56 7.33 -3.66 -4.06
N GLY A 57 7.19 -4.71 -4.82
CA GLY A 57 5.90 -5.03 -5.43
C GLY A 57 5.55 -4.05 -6.57
N ILE A 58 6.55 -3.47 -7.21
CA ILE A 58 6.36 -2.44 -8.24
C ILE A 58 5.96 -3.11 -9.53
N LYS A 59 4.84 -2.68 -10.14
N LYS A 59 4.85 -2.65 -10.12
CA LYS A 59 4.41 -3.23 -11.45
CA LYS A 59 4.34 -3.18 -11.38
C LYS A 59 4.70 -2.29 -12.61
C LYS A 59 4.76 -2.31 -12.57
N SER A 60 4.99 -1.01 -12.31
CA SER A 60 5.28 -0.04 -13.35
C SER A 60 6.27 0.97 -12.88
N ILE A 61 7.22 1.33 -13.74
CA ILE A 61 8.16 2.37 -13.41
C ILE A 61 7.81 3.69 -14.15
N ASP A 62 6.55 3.82 -14.60
CA ASP A 62 6.07 5.08 -15.08
C ASP A 62 6.41 6.20 -14.07
N GLY A 63 7.00 7.30 -14.57
CA GLY A 63 7.46 8.40 -13.75
C GLY A 63 8.97 8.49 -13.65
N VAL A 64 9.65 7.34 -13.78
N VAL A 64 9.70 7.36 -13.76
CA VAL A 64 11.09 7.29 -13.64
CA VAL A 64 11.16 7.43 -13.60
C VAL A 64 11.79 8.13 -14.76
C VAL A 64 11.83 8.16 -14.77
N GLU A 65 11.11 8.32 -15.88
CA GLU A 65 11.66 9.13 -16.99
C GLU A 65 11.94 10.58 -16.57
N TYR A 66 11.28 11.03 -15.48
CA TYR A 66 11.50 12.39 -14.96
C TYR A 66 12.73 12.52 -14.06
N LEU A 67 13.32 11.36 -13.71
CA LEU A 67 14.56 11.32 -12.92
C LEU A 67 15.73 11.27 -13.86
N ASN A 68 15.94 12.37 -14.56
CA ASN A 68 16.89 12.45 -15.64
C ASN A 68 18.31 12.24 -15.25
N ASN A 69 18.62 12.46 -13.98
CA ASN A 69 20.00 12.39 -13.52
C ASN A 69 20.37 11.03 -12.92
N LEU A 70 19.50 10.03 -13.09
CA LEU A 70 19.80 8.72 -12.57
C LEU A 70 21.04 8.09 -13.24
N THR A 71 21.93 7.59 -12.41
CA THR A 71 23.08 6.82 -12.88
C THR A 71 23.08 5.38 -12.42
N GLN A 72 22.40 5.07 -11.32
N GLN A 72 22.30 5.05 -11.39
N GLN A 72 22.32 5.06 -11.37
CA GLN A 72 22.27 3.67 -10.87
CA GLN A 72 22.32 3.71 -10.82
CA GLN A 72 22.31 3.70 -10.80
C GLN A 72 20.86 3.41 -10.45
C GLN A 72 20.94 3.35 -10.29
C GLN A 72 20.91 3.35 -10.32
N ILE A 73 20.33 2.24 -10.82
CA ILE A 73 19.00 1.80 -10.39
C ILE A 73 18.99 0.38 -10.04
N ASN A 74 18.19 0.06 -9.06
CA ASN A 74 17.89 -1.34 -8.70
C ASN A 74 16.40 -1.50 -8.62
N PHE A 75 15.83 -2.19 -9.60
CA PHE A 75 14.43 -2.58 -9.60
C PHE A 75 14.27 -4.08 -9.61
N SER A 76 15.27 -4.78 -9.09
CA SER A 76 15.22 -6.22 -9.06
C SER A 76 14.10 -6.71 -8.15
N ASN A 77 13.60 -7.90 -8.45
CA ASN A 77 12.55 -8.56 -7.63
C ASN A 77 11.30 -7.71 -7.52
N ASN A 78 10.78 -7.36 -8.67
CA ASN A 78 9.53 -6.66 -8.77
C ASN A 78 8.66 -7.41 -9.81
N GLN A 79 7.66 -6.74 -10.38
N GLN A 79 7.66 -6.73 -10.35
CA GLN A 79 6.77 -7.38 -11.36
CA GLN A 79 6.77 -7.33 -11.32
C GLN A 79 6.77 -6.58 -12.67
C GLN A 79 6.72 -6.45 -12.55
N LEU A 80 7.90 -6.04 -13.02
CA LEU A 80 8.03 -5.21 -14.24
C LEU A 80 7.92 -6.00 -15.49
N THR A 81 7.25 -5.43 -16.46
CA THR A 81 7.22 -5.97 -17.80
C THR A 81 7.76 -4.89 -18.75
N ASP A 82 7.16 -3.75 -18.72
CA ASP A 82 7.51 -2.65 -19.58
C ASP A 82 8.62 -1.82 -18.94
N ILE A 83 9.72 -1.64 -19.63
CA ILE A 83 10.77 -0.73 -19.13
C ILE A 83 11.01 0.48 -20.03
N THR A 84 9.97 0.85 -20.78
N THR A 84 9.98 0.86 -20.81
N THR A 84 9.98 0.87 -20.81
CA THR A 84 10.04 1.99 -21.69
CA THR A 84 10.10 1.99 -21.74
CA THR A 84 10.13 2.03 -21.72
C THR A 84 10.51 3.30 -21.00
C THR A 84 10.50 3.33 -21.02
C THR A 84 10.53 3.33 -21.00
N PRO A 85 10.08 3.57 -19.73
CA PRO A 85 10.55 4.78 -19.00
C PRO A 85 12.08 4.95 -18.89
N LEU A 86 12.85 3.89 -19.13
CA LEU A 86 14.33 4.01 -19.09
C LEU A 86 14.97 4.54 -20.32
N LYS A 87 14.19 4.64 -21.40
N LYS A 87 14.23 4.68 -21.40
CA LYS A 87 14.72 4.70 -22.79
CA LYS A 87 14.88 4.89 -22.70
C LYS A 87 15.68 5.84 -23.04
C LYS A 87 15.81 6.14 -22.79
N ASN A 88 15.44 6.96 -22.30
N ASN A 88 15.42 7.29 -22.20
CA ASN A 88 16.22 8.22 -22.47
CA ASN A 88 16.28 8.43 -22.34
C ASN A 88 17.16 8.57 -21.30
C ASN A 88 17.04 8.70 -21.11
N LEU A 89 17.18 7.68 -20.26
CA LEU A 89 17.98 7.84 -19.06
C LEU A 89 19.41 7.46 -19.39
N THR A 90 20.04 8.28 -20.21
CA THR A 90 21.36 7.93 -20.80
C THR A 90 22.51 8.13 -19.84
N LYS A 91 22.29 8.72 -18.68
N LYS A 91 22.25 8.71 -18.69
CA LYS A 91 23.33 8.81 -17.66
CA LYS A 91 23.28 8.85 -17.67
C LYS A 91 23.46 7.49 -16.87
C LYS A 91 23.47 7.50 -16.91
N LEU A 92 22.56 6.53 -17.13
CA LEU A 92 22.65 5.26 -16.44
C LEU A 92 23.92 4.51 -16.72
N VAL A 93 24.56 4.10 -15.63
N VAL A 93 24.59 4.09 -15.66
CA VAL A 93 25.82 3.37 -15.63
CA VAL A 93 25.79 3.25 -15.76
C VAL A 93 25.56 1.89 -15.20
C VAL A 93 25.60 1.86 -15.15
N ASP A 94 24.63 1.68 -14.25
CA ASP A 94 24.38 0.35 -13.71
C ASP A 94 22.93 0.14 -13.50
N ILE A 95 22.44 -1.02 -13.94
CA ILE A 95 21.07 -1.42 -13.81
C ILE A 95 21.03 -2.81 -13.22
N LEU A 96 20.32 -2.93 -12.13
CA LEU A 96 19.97 -4.24 -11.51
C LEU A 96 18.51 -4.41 -11.69
N MET A 97 18.13 -5.38 -12.47
CA MET A 97 16.73 -5.60 -12.80
C MET A 97 16.39 -7.06 -13.00
N ASN A 98 17.13 -7.92 -12.32
CA ASN A 98 16.79 -9.34 -12.34
C ASN A 98 15.48 -9.58 -11.65
N ASN A 99 14.88 -10.72 -11.93
CA ASN A 99 13.69 -11.19 -11.23
C ASN A 99 12.53 -10.23 -11.43
N ASN A 100 12.22 -10.02 -12.71
CA ASN A 100 11.01 -9.35 -13.13
C ASN A 100 10.36 -10.23 -14.21
N GLN A 101 9.46 -9.67 -15.02
N GLN A 101 9.48 -9.67 -15.05
CA GLN A 101 8.84 -10.39 -16.11
CA GLN A 101 8.85 -10.42 -16.12
C GLN A 101 9.07 -9.61 -17.39
C GLN A 101 9.09 -9.71 -17.44
N ILE A 102 10.33 -9.17 -17.60
CA ILE A 102 10.70 -8.36 -18.75
C ILE A 102 10.98 -9.23 -19.92
N ALA A 103 10.35 -8.95 -21.05
CA ALA A 103 10.67 -9.62 -22.32
C ALA A 103 11.35 -8.68 -23.33
N ASP A 104 10.90 -7.46 -23.39
CA ASP A 104 11.34 -6.50 -24.37
C ASP A 104 12.33 -5.53 -23.75
N ILE A 105 13.61 -5.62 -24.17
CA ILE A 105 14.64 -4.76 -23.65
C ILE A 105 15.07 -3.71 -24.67
N THR A 106 14.24 -3.51 -25.69
N THR A 106 14.24 -3.47 -25.71
CA THR A 106 14.50 -2.48 -26.68
CA THR A 106 14.54 -2.38 -26.70
C THR A 106 14.80 -1.10 -26.02
C THR A 106 14.79 -1.04 -26.03
N PRO A 107 14.09 -0.71 -24.91
CA PRO A 107 14.42 0.54 -24.18
C PRO A 107 15.83 0.70 -23.67
N LEU A 108 16.63 -0.37 -23.64
CA LEU A 108 18.02 -0.25 -23.22
C LEU A 108 18.97 0.13 -24.34
N ALA A 109 18.50 0.22 -25.58
CA ALA A 109 19.41 0.22 -26.78
C ALA A 109 20.36 1.38 -26.85
N ASN A 110 19.95 2.53 -26.30
N ASN A 110 19.94 2.54 -26.32
CA ASN A 110 20.74 3.74 -26.37
CA ASN A 110 20.78 3.74 -26.39
C ASN A 110 21.43 4.09 -25.06
C ASN A 110 21.33 4.14 -25.01
N LEU A 111 21.40 3.18 -24.07
CA LEU A 111 21.96 3.46 -22.76
C LEU A 111 23.43 3.09 -22.80
N THR A 112 24.18 3.82 -23.61
CA THR A 112 25.50 3.40 -23.99
C THR A 112 26.53 3.68 -22.93
N ASN A 113 26.16 4.39 -21.86
CA ASN A 113 27.07 4.58 -20.72
C ASN A 113 26.97 3.41 -19.71
N LEU A 114 26.12 2.43 -20.01
CA LEU A 114 26.00 1.25 -19.14
C LEU A 114 27.34 0.49 -19.10
N THR A 115 27.81 0.27 -17.88
CA THR A 115 28.88 -0.65 -17.62
C THR A 115 28.44 -1.91 -16.91
N GLY A 116 27.29 -1.91 -16.28
CA GLY A 116 26.80 -3.10 -15.62
C GLY A 116 25.34 -3.26 -15.87
N LEU A 117 24.92 -4.47 -16.25
CA LEU A 117 23.57 -4.75 -16.57
C LEU A 117 23.19 -6.14 -16.11
N THR A 118 22.24 -6.21 -15.20
CA THR A 118 21.81 -7.43 -14.59
C THR A 118 20.33 -7.64 -14.90
N LEU A 119 20.07 -8.69 -15.63
CA LEU A 119 18.74 -9.01 -16.17
C LEU A 119 18.40 -10.47 -16.07
N PHE A 120 19.08 -11.19 -15.20
CA PHE A 120 18.76 -12.60 -15.06
C PHE A 120 17.36 -12.78 -14.47
N ASN A 121 16.78 -13.98 -14.69
CA ASN A 121 15.40 -14.30 -14.23
C ASN A 121 14.40 -13.30 -14.81
N ASN A 122 14.40 -13.21 -16.13
CA ASN A 122 13.39 -12.46 -16.82
C ASN A 122 12.82 -13.41 -17.93
N GLN A 123 12.19 -12.83 -18.96
N GLN A 123 12.15 -12.81 -18.94
CA GLN A 123 11.60 -13.56 -20.06
CA GLN A 123 11.54 -13.54 -20.06
C GLN A 123 12.15 -13.01 -21.35
C GLN A 123 12.14 -13.06 -21.38
N ILE A 124 13.45 -12.77 -21.37
CA ILE A 124 14.14 -12.21 -22.56
C ILE A 124 14.56 -13.27 -23.52
N THR A 125 14.17 -13.07 -24.78
CA THR A 125 14.67 -13.87 -25.87
C THR A 125 15.60 -13.07 -26.75
N ASP A 126 15.18 -11.87 -27.12
N ASP A 126 15.18 -11.86 -27.08
CA ASP A 126 15.88 -11.06 -28.07
CA ASP A 126 15.84 -11.03 -28.06
C ASP A 126 16.80 -10.08 -27.36
C ASP A 126 16.80 -10.06 -27.37
N ILE A 127 18.10 -10.28 -27.54
CA ILE A 127 19.09 -9.41 -27.00
C ILE A 127 19.77 -8.50 -27.99
N ASP A 128 19.24 -8.42 -29.21
N ASP A 128 19.20 -8.37 -29.20
CA ASP A 128 19.72 -7.44 -30.19
CA ASP A 128 19.70 -7.42 -30.19
C ASP A 128 19.87 -6.02 -29.59
C ASP A 128 19.85 -5.99 -29.62
N PRO A 129 18.94 -5.53 -28.71
CA PRO A 129 19.14 -4.21 -28.05
C PRO A 129 20.40 -3.97 -27.24
N LEU A 130 21.17 -5.03 -26.94
CA LEU A 130 22.39 -4.90 -26.22
C LEU A 130 23.59 -4.62 -27.09
N LYS A 131 23.43 -4.69 -28.42
CA LYS A 131 24.59 -4.80 -29.31
C LYS A 131 25.51 -3.60 -29.28
N ASN A 132 24.99 -2.39 -28.97
CA ASN A 132 25.84 -1.20 -28.90
C ASN A 132 26.24 -0.76 -27.50
N LEU A 133 26.01 -1.63 -26.52
CA LEU A 133 26.33 -1.28 -25.19
C LEU A 133 27.75 -1.71 -24.91
N THR A 134 28.69 -1.13 -25.66
CA THR A 134 30.06 -1.63 -25.69
C THR A 134 30.93 -1.25 -24.50
N ASN A 135 30.40 -0.43 -23.58
CA ASN A 135 31.11 -0.13 -22.37
C ASN A 135 30.75 -1.14 -21.25
N LEU A 136 29.89 -2.09 -21.55
CA LEU A 136 29.54 -3.13 -20.54
C LEU A 136 30.74 -3.91 -20.09
N ASN A 137 30.94 -3.98 -18.78
N ASN A 137 30.92 -3.98 -18.78
CA ASN A 137 31.92 -4.89 -18.23
CA ASN A 137 31.91 -4.85 -18.17
C ASN A 137 31.28 -6.07 -17.47
C ASN A 137 31.24 -6.11 -17.60
N ARG A 138 29.99 -5.95 -17.15
CA ARG A 138 29.27 -7.02 -16.48
C ARG A 138 27.91 -7.14 -17.12
N LEU A 139 27.56 -8.35 -17.56
CA LEU A 139 26.30 -8.61 -18.18
C LEU A 139 25.79 -9.93 -17.68
N GLU A 140 24.61 -9.91 -17.06
N GLU A 140 24.61 -9.92 -17.08
N GLU A 140 24.62 -9.90 -17.02
CA GLU A 140 24.07 -11.12 -16.42
CA GLU A 140 24.04 -11.13 -16.42
CA GLU A 140 24.04 -11.09 -16.38
C GLU A 140 22.70 -11.44 -16.96
C GLU A 140 22.70 -11.43 -17.00
C GLU A 140 22.70 -11.40 -17.03
N LEU A 141 22.62 -12.51 -17.74
CA LEU A 141 21.39 -12.88 -18.50
C LEU A 141 20.91 -14.30 -18.30
N SER A 142 21.44 -14.96 -17.24
N SER A 142 21.33 -14.99 -17.24
CA SER A 142 21.04 -16.29 -16.96
CA SER A 142 20.89 -16.45 -17.01
C SER A 142 19.56 -16.34 -16.71
C SER A 142 19.33 -16.63 -16.75
N SER A 143 18.99 -17.51 -16.93
N SER A 143 18.77 -17.86 -17.01
CA SER A 143 17.58 -17.78 -16.66
CA SER A 143 17.37 -18.10 -16.75
C SER A 143 16.68 -16.82 -17.45
C SER A 143 16.53 -17.05 -17.50
N ASN A 144 16.96 -16.77 -18.73
CA ASN A 144 16.12 -16.12 -19.73
C ASN A 144 15.83 -17.19 -20.80
N THR A 145 15.29 -16.79 -21.95
CA THR A 145 15.06 -17.72 -23.02
C THR A 145 15.84 -17.35 -24.25
N ILE A 146 17.07 -16.96 -24.04
CA ILE A 146 17.95 -16.56 -25.14
C ILE A 146 18.49 -17.80 -25.88
N SER A 147 18.31 -17.83 -27.22
N SER A 147 18.46 -17.78 -27.24
CA SER A 147 18.79 -18.91 -28.04
CA SER A 147 19.20 -18.73 -28.07
C SER A 147 19.91 -18.49 -28.97
C SER A 147 20.35 -18.08 -28.88
N ASP A 148 20.18 -17.17 -29.04
N ASP A 148 20.18 -16.81 -29.26
CA ASP A 148 21.08 -16.56 -30.01
CA ASP A 148 21.06 -16.24 -30.16
C ASP A 148 21.84 -15.37 -29.33
C ASP A 148 21.87 -15.22 -29.43
N ILE A 149 23.17 -15.49 -29.25
CA ILE A 149 24.03 -14.51 -28.62
C ILE A 149 24.87 -13.66 -29.59
N SER A 150 24.45 -13.59 -30.83
CA SER A 150 25.12 -12.76 -31.84
C SER A 150 25.35 -11.34 -31.38
N ALA A 151 24.36 -10.76 -30.65
CA ALA A 151 24.44 -9.39 -30.16
C ALA A 151 25.55 -9.13 -29.18
N LEU A 152 26.10 -10.21 -28.60
CA LEU A 152 27.22 -10.06 -27.65
C LEU A 152 28.55 -9.87 -28.32
N SER A 153 28.61 -10.08 -29.65
CA SER A 153 29.90 -10.23 -30.30
C SER A 153 30.79 -9.01 -30.22
N GLY A 154 30.18 -7.82 -30.08
CA GLY A 154 30.96 -6.59 -29.96
C GLY A 154 31.13 -6.04 -28.57
N LEU A 155 30.73 -6.80 -27.55
CA LEU A 155 30.83 -6.34 -26.17
C LEU A 155 32.19 -6.71 -25.63
N THR A 156 33.19 -6.10 -26.20
CA THR A 156 34.57 -6.50 -26.00
C THR A 156 35.20 -5.98 -24.76
N SER A 157 34.45 -5.30 -23.90
CA SER A 157 34.94 -4.87 -22.62
C SER A 157 34.40 -5.75 -21.49
N LEU A 158 33.63 -6.79 -21.88
CA LEU A 158 33.03 -7.66 -20.85
C LEU A 158 34.09 -8.42 -20.07
N GLN A 159 33.96 -8.40 -18.75
N GLN A 159 34.00 -8.37 -18.74
N GLN A 159 33.96 -8.33 -18.73
CA GLN A 159 34.83 -9.14 -17.86
CA GLN A 159 34.85 -9.22 -17.89
CA GLN A 159 34.73 -9.08 -17.80
C GLN A 159 34.08 -10.29 -17.20
C GLN A 159 34.05 -10.33 -17.24
C GLN A 159 33.87 -10.25 -17.31
N GLN A 160 32.76 -10.10 -17.07
N GLN A 160 32.78 -10.14 -17.07
CA GLN A 160 31.89 -11.07 -16.46
CA GLN A 160 31.94 -11.13 -16.43
C GLN A 160 30.66 -11.22 -17.36
C GLN A 160 30.62 -11.23 -17.21
N LEU A 161 30.28 -12.45 -17.63
CA LEU A 161 29.13 -12.72 -18.50
C LEU A 161 28.44 -14.01 -18.13
N SER A 162 27.12 -13.97 -18.16
N SER A 162 27.11 -13.97 -18.15
CA SER A 162 26.30 -15.16 -18.02
CA SER A 162 26.29 -15.16 -18.03
C SER A 162 25.05 -15.01 -18.86
C SER A 162 25.07 -15.01 -18.89
N PHE A 163 24.53 -16.12 -19.36
CA PHE A 163 23.34 -16.11 -20.15
C PHE A 163 22.69 -17.48 -20.26
N GLY A 164 21.40 -17.48 -20.58
CA GLY A 164 20.72 -18.72 -20.87
C GLY A 164 19.31 -18.47 -21.44
N ASN A 165 18.56 -19.53 -21.75
N ASN A 165 18.60 -19.49 -21.90
CA ASN A 165 18.85 -20.95 -21.33
CA ASN A 165 18.91 -20.89 -21.66
C ASN A 165 18.83 -21.93 -22.51
C ASN A 165 18.79 -21.78 -22.90
N GLN A 166 18.83 -21.19 -24.07
N GLN A 166 18.68 -21.09 -24.14
N GLN A 166 18.95 -21.36 -23.71
CA GLN A 166 18.62 -21.94 -25.25
CA GLN A 166 18.66 -22.13 -25.15
CA GLN A 166 18.67 -22.10 -24.97
C GLN A 166 19.81 -22.01 -26.05
C GLN A 166 19.77 -21.79 -26.19
C GLN A 166 19.77 -21.90 -26.15
N VAL A 167 20.95 -21.46 -25.67
CA VAL A 167 22.06 -21.23 -26.57
C VAL A 167 22.73 -22.54 -26.98
N THR A 168 23.00 -22.67 -28.28
N THR A 168 22.97 -22.70 -28.27
CA THR A 168 23.79 -23.75 -28.82
CA THR A 168 23.81 -23.77 -28.78
C THR A 168 25.12 -23.26 -29.42
C THR A 168 25.15 -23.22 -29.31
N ASP A 169 25.10 -22.06 -29.98
CA ASP A 169 26.27 -21.53 -30.70
C ASP A 169 26.99 -20.46 -29.90
N LEU A 170 28.20 -20.79 -29.41
CA LEU A 170 28.98 -19.91 -28.64
C LEU A 170 29.95 -19.05 -29.44
N LYS A 171 30.00 -19.22 -30.76
CA LYS A 171 31.00 -18.50 -31.58
C LYS A 171 30.96 -16.98 -31.45
N PRO A 172 29.82 -16.35 -31.15
CA PRO A 172 29.83 -14.90 -30.88
C PRO A 172 30.73 -14.46 -29.73
N LEU A 173 31.19 -15.37 -28.87
CA LEU A 173 32.13 -15.02 -27.81
C LEU A 173 33.57 -14.82 -28.25
N ALA A 174 33.90 -15.09 -29.53
CA ALA A 174 35.32 -15.24 -29.92
C ALA A 174 36.21 -14.08 -29.60
N ASN A 175 35.69 -12.85 -29.75
CA ASN A 175 36.51 -11.69 -29.54
C ASN A 175 36.41 -11.10 -28.13
N LEU A 176 35.75 -11.82 -27.21
CA LEU A 176 35.51 -11.30 -25.84
C LEU A 176 36.63 -11.72 -24.91
N THR A 177 37.84 -11.46 -25.31
N THR A 177 37.82 -11.22 -25.20
CA THR A 177 39.01 -12.03 -24.60
CA THR A 177 39.03 -11.63 -24.51
C THR A 177 39.29 -11.35 -23.27
C THR A 177 39.21 -10.95 -23.13
N THR A 178 38.58 -10.26 -22.99
N THR A 178 38.43 -9.91 -22.82
CA THR A 178 38.66 -9.64 -21.68
CA THR A 178 38.51 -9.37 -21.52
C THR A 178 37.90 -10.46 -20.60
C THR A 178 37.69 -10.29 -20.54
N LEU A 179 37.08 -11.40 -21.04
CA LEU A 179 36.29 -12.25 -20.12
C LEU A 179 37.20 -12.96 -19.10
N GLU A 180 36.86 -12.74 -17.84
CA GLU A 180 37.49 -13.47 -16.73
C GLU A 180 36.56 -14.49 -16.07
N ARG A 181 35.27 -14.25 -16.14
N ARG A 181 35.24 -14.21 -16.10
N ARG A 181 35.26 -14.18 -16.06
CA ARG A 181 34.28 -15.12 -15.50
CA ARG A 181 34.25 -15.07 -15.44
CA ARG A 181 34.25 -15.05 -15.48
C ARG A 181 33.17 -15.31 -16.48
C ARG A 181 33.09 -15.30 -16.38
C ARG A 181 33.18 -15.28 -16.50
N LEU A 182 32.92 -16.56 -16.81
CA LEU A 182 31.84 -16.93 -17.75
C LEU A 182 31.01 -18.01 -17.14
N ASP A 183 29.69 -17.83 -17.20
N ASP A 183 29.69 -17.83 -17.20
CA ASP A 183 28.72 -18.85 -16.73
CA ASP A 183 28.73 -18.86 -16.74
C ASP A 183 27.73 -19.08 -17.83
C ASP A 183 27.74 -19.09 -17.84
N ILE A 184 27.78 -20.29 -18.41
CA ILE A 184 26.90 -20.69 -19.50
C ILE A 184 26.04 -21.87 -19.05
N SER A 185 25.87 -22.00 -17.76
CA SER A 185 25.01 -23.07 -17.23
C SER A 185 23.64 -23.06 -17.84
N SER A 186 23.07 -24.27 -17.99
CA SER A 186 21.69 -24.46 -18.42
C SER A 186 21.48 -23.85 -19.79
N ASN A 187 22.27 -24.31 -20.75
CA ASN A 187 22.04 -24.04 -22.16
C ASN A 187 22.00 -25.36 -22.89
N LYS A 188 22.25 -25.33 -24.19
CA LYS A 188 22.21 -26.56 -25.03
C LYS A 188 23.50 -26.69 -25.79
N VAL A 189 24.60 -26.37 -25.15
CA VAL A 189 25.89 -26.31 -25.83
C VAL A 189 26.57 -27.66 -25.82
N SER A 190 27.04 -28.08 -26.96
CA SER A 190 28.03 -29.17 -27.04
C SER A 190 29.44 -28.64 -27.47
N ASP A 191 29.48 -27.68 -28.36
CA ASP A 191 30.71 -27.23 -28.95
C ASP A 191 31.25 -26.07 -28.18
N ILE A 192 32.29 -26.31 -27.40
CA ILE A 192 32.98 -25.24 -26.69
C ILE A 192 34.32 -24.84 -27.30
N SER A 193 34.53 -25.16 -28.59
CA SER A 193 35.79 -24.77 -29.27
C SER A 193 36.17 -23.29 -29.11
N VAL A 194 35.20 -22.40 -29.12
CA VAL A 194 35.46 -20.95 -29.08
C VAL A 194 36.15 -20.58 -27.77
N LEU A 195 35.89 -21.38 -26.70
CA LEU A 195 36.44 -21.04 -25.40
C LEU A 195 37.93 -21.04 -25.38
N ALA A 196 38.56 -21.78 -26.29
CA ALA A 196 40.05 -21.80 -26.39
C ALA A 196 40.62 -20.38 -26.65
N LYS A 197 39.80 -19.50 -27.15
CA LYS A 197 40.21 -18.12 -27.46
C LYS A 197 40.16 -17.24 -26.23
N LEU A 198 39.48 -17.68 -25.18
CA LEU A 198 39.23 -16.83 -24.00
C LEU A 198 40.28 -17.06 -22.93
N THR A 199 41.48 -16.72 -23.29
CA THR A 199 42.62 -17.18 -22.49
C THR A 199 42.79 -16.42 -21.17
N ASN A 200 42.00 -15.36 -20.92
CA ASN A 200 41.99 -14.68 -19.61
C ASN A 200 40.96 -15.24 -18.66
N LEU A 201 40.21 -16.25 -19.08
CA LEU A 201 39.23 -16.86 -18.16
C LEU A 201 39.92 -17.40 -16.91
N GLU A 202 39.35 -17.04 -15.77
CA GLU A 202 39.72 -17.55 -14.47
C GLU A 202 38.68 -18.47 -13.92
N SER A 203 37.44 -18.24 -14.26
CA SER A 203 36.35 -19.06 -13.79
C SER A 203 35.45 -19.41 -14.98
N LEU A 204 35.22 -20.69 -15.21
CA LEU A 204 34.32 -21.15 -16.23
C LEU A 204 33.32 -22.09 -15.59
N ILE A 205 32.06 -21.70 -15.65
N ILE A 205 32.04 -21.72 -15.64
CA ILE A 205 30.93 -22.50 -15.16
CA ILE A 205 30.98 -22.55 -15.07
C ILE A 205 30.11 -22.86 -16.34
C ILE A 205 30.01 -22.87 -16.19
N ALA A 206 30.04 -24.13 -16.65
CA ALA A 206 29.37 -24.59 -17.85
C ALA A 206 28.52 -25.81 -17.53
N THR A 207 27.77 -25.73 -16.47
CA THR A 207 26.99 -26.88 -16.03
C THR A 207 25.76 -27.08 -16.87
N ASN A 208 25.26 -28.32 -16.89
CA ASN A 208 23.97 -28.63 -17.47
C ASN A 208 23.89 -28.20 -18.91
N ASN A 209 24.83 -28.73 -19.67
CA ASN A 209 24.90 -28.57 -21.11
C ASN A 209 25.02 -29.98 -21.73
N GLN A 210 25.59 -30.07 -22.91
N GLN A 210 25.51 -30.05 -22.98
CA GLN A 210 25.71 -31.32 -23.65
CA GLN A 210 25.67 -31.30 -23.76
C GLN A 210 27.18 -31.50 -24.11
C GLN A 210 27.16 -31.54 -24.13
N ILE A 211 28.08 -31.16 -23.26
CA ILE A 211 29.48 -31.13 -23.61
C ILE A 211 30.10 -32.50 -23.39
N SER A 212 30.73 -33.04 -24.39
CA SER A 212 31.52 -34.24 -24.29
C SER A 212 33.02 -34.02 -24.60
N ASP A 213 33.35 -32.98 -25.35
CA ASP A 213 34.72 -32.68 -25.78
C ASP A 213 35.23 -31.44 -25.08
N ILE A 214 36.19 -31.60 -24.20
CA ILE A 214 36.77 -30.49 -23.47
C ILE A 214 38.15 -30.15 -23.89
N THR A 215 38.60 -30.69 -25.02
CA THR A 215 39.91 -30.33 -25.52
C THR A 215 40.10 -28.83 -25.75
N PRO A 216 39.06 -28.04 -26.04
CA PRO A 216 39.26 -26.59 -26.13
C PRO A 216 39.79 -25.92 -24.90
N LEU A 217 39.64 -26.56 -23.74
CA LEU A 217 40.10 -25.94 -22.52
C LEU A 217 41.57 -26.03 -22.31
N GLY A 218 42.31 -26.78 -23.16
CA GLY A 218 43.69 -27.12 -22.90
C GLY A 218 44.60 -25.98 -22.64
N ILE A 219 44.44 -24.91 -23.37
CA ILE A 219 45.31 -23.76 -23.21
C ILE A 219 44.80 -22.72 -22.23
N LEU A 220 43.70 -23.00 -21.53
CA LEU A 220 43.13 -22.03 -20.60
C LEU A 220 43.76 -22.17 -19.23
N THR A 221 45.07 -21.98 -19.17
CA THR A 221 45.79 -22.30 -18.00
C THR A 221 45.62 -21.28 -16.87
N ASN A 222 44.99 -20.11 -17.14
N ASN A 222 44.99 -20.11 -17.14
CA ASN A 222 44.64 -19.18 -16.07
CA ASN A 222 44.65 -19.20 -16.05
C ASN A 222 43.35 -19.59 -15.30
C ASN A 222 43.42 -19.65 -15.24
N LEU A 223 42.73 -20.72 -15.66
CA LEU A 223 41.57 -21.17 -14.94
C LEU A 223 41.92 -21.63 -13.55
N ASP A 224 41.25 -21.08 -12.60
CA ASP A 224 41.34 -21.55 -11.22
C ASP A 224 40.10 -22.23 -10.73
N GLU A 225 38.97 -22.02 -11.42
CA GLU A 225 37.71 -22.60 -11.05
C GLU A 225 37.03 -23.09 -12.31
N LEU A 226 36.60 -24.35 -12.31
CA LEU A 226 35.98 -24.93 -13.44
C LEU A 226 34.86 -25.83 -12.98
N SER A 227 33.71 -25.64 -13.58
CA SER A 227 32.59 -26.56 -13.39
C SER A 227 31.99 -27.02 -14.70
N LEU A 228 31.95 -28.33 -14.86
CA LEU A 228 31.32 -29.01 -15.97
C LEU A 228 30.26 -30.03 -15.45
N ASN A 229 29.76 -29.77 -14.26
CA ASN A 229 28.68 -30.59 -13.68
C ASN A 229 27.54 -30.75 -14.67
N GLY A 230 27.13 -31.98 -14.97
CA GLY A 230 25.93 -32.23 -15.79
C GLY A 230 26.19 -32.09 -17.23
N ASN A 231 27.11 -32.86 -17.72
CA ASN A 231 27.41 -32.89 -19.18
C ASN A 231 27.54 -34.35 -19.60
N GLN A 232 28.37 -34.63 -20.61
N GLN A 232 28.36 -34.60 -20.65
N GLN A 232 28.32 -34.64 -20.66
CA GLN A 232 28.58 -36.00 -21.10
CA GLN A 232 28.57 -35.94 -21.26
CA GLN A 232 28.62 -36.02 -21.09
C GLN A 232 30.04 -36.25 -21.26
C GLN A 232 30.08 -36.26 -21.28
C GLN A 232 30.15 -36.15 -21.34
N LEU A 233 30.80 -35.89 -20.22
N LEU A 233 30.80 -35.73 -20.31
CA LEU A 233 32.25 -36.05 -20.23
CA LEU A 233 32.27 -35.94 -20.23
C LEU A 233 32.67 -37.42 -19.92
C LEU A 233 32.62 -37.39 -19.98
N LYS A 234 33.73 -37.86 -20.59
CA LYS A 234 34.34 -39.13 -20.25
C LYS A 234 35.84 -38.94 -20.19
N ASP A 235 36.44 -38.50 -21.33
CA ASP A 235 37.86 -38.29 -21.37
C ASP A 235 38.19 -36.94 -20.82
N ILE A 236 38.90 -36.90 -19.68
CA ILE A 236 39.30 -35.62 -19.10
C ILE A 236 40.81 -35.36 -19.16
N GLY A 237 41.46 -36.03 -20.13
CA GLY A 237 42.88 -35.82 -20.31
C GLY A 237 43.33 -34.39 -20.41
N THR A 238 42.54 -33.57 -21.04
CA THR A 238 42.85 -32.16 -21.21
C THR A 238 43.10 -31.47 -19.89
N LEU A 239 42.40 -31.88 -18.82
CA LEU A 239 42.53 -31.18 -17.55
C LEU A 239 43.90 -31.23 -16.96
N ALA A 240 44.74 -32.16 -17.41
CA ALA A 240 46.15 -32.18 -16.91
C ALA A 240 46.89 -30.92 -17.11
N SER A 241 46.49 -30.15 -18.11
N SER A 241 46.53 -30.12 -18.12
CA SER A 241 47.09 -28.88 -18.44
CA SER A 241 47.21 -28.85 -18.35
C SER A 241 46.71 -27.73 -17.47
C SER A 241 46.76 -27.71 -17.41
N LEU A 242 45.63 -27.90 -16.72
CA LEU A 242 45.07 -26.82 -15.94
C LEU A 242 45.54 -26.83 -14.52
N THR A 243 46.83 -26.54 -14.37
CA THR A 243 47.50 -26.77 -13.11
C THR A 243 47.22 -25.68 -12.07
N ASN A 244 46.56 -24.57 -12.45
CA ASN A 244 46.10 -23.57 -11.50
C ASN A 244 44.71 -23.81 -10.94
N LEU A 245 44.06 -24.91 -11.34
CA LEU A 245 42.73 -25.20 -10.79
C LEU A 245 42.79 -25.43 -9.26
N THR A 246 41.93 -24.76 -8.53
CA THR A 246 41.75 -25.05 -7.10
C THR A 246 40.35 -25.62 -6.75
N ASP A 247 39.39 -25.44 -7.63
N ASP A 247 39.40 -25.49 -7.66
CA ASP A 247 38.04 -25.90 -7.43
CA ASP A 247 38.01 -25.87 -7.42
C ASP A 247 37.54 -26.48 -8.74
C ASP A 247 37.42 -26.42 -8.70
N LEU A 248 37.19 -27.76 -8.70
CA LEU A 248 36.81 -28.48 -9.90
C LEU A 248 35.58 -29.27 -9.64
N ASP A 249 34.57 -29.09 -10.45
CA ASP A 249 33.30 -29.85 -10.35
C ASP A 249 33.06 -30.55 -11.69
N LEU A 250 33.11 -31.88 -11.67
CA LEU A 250 32.88 -32.72 -12.85
C LEU A 250 31.74 -33.72 -12.58
N ALA A 251 30.87 -33.38 -11.63
CA ALA A 251 29.83 -34.31 -11.26
C ALA A 251 28.83 -34.51 -12.40
N ASN A 252 28.12 -35.62 -12.35
CA ASN A 252 27.04 -35.93 -13.32
C ASN A 252 27.60 -35.98 -14.73
N ASN A 253 28.56 -36.82 -14.92
CA ASN A 253 29.18 -37.12 -16.21
C ASN A 253 29.39 -38.63 -16.32
N GLN A 254 30.32 -39.04 -17.17
CA GLN A 254 30.59 -40.47 -17.45
C GLN A 254 32.09 -40.80 -17.28
N ILE A 255 32.76 -40.11 -16.38
CA ILE A 255 34.22 -40.20 -16.24
C ILE A 255 34.57 -41.47 -15.45
N SER A 256 35.54 -42.19 -15.92
CA SER A 256 36.15 -43.29 -15.18
C SER A 256 37.63 -43.05 -14.84
N ASN A 257 38.39 -42.42 -15.74
CA ASN A 257 39.86 -42.33 -15.58
C ASN A 257 40.27 -41.02 -15.01
N LEU A 258 40.67 -41.05 -13.74
CA LEU A 258 41.07 -39.86 -13.03
C LEU A 258 42.52 -39.51 -13.09
N ALA A 259 43.30 -40.30 -13.85
CA ALA A 259 44.74 -40.03 -13.91
C ALA A 259 45.09 -38.57 -14.32
N PRO A 260 44.30 -37.94 -15.24
CA PRO A 260 44.60 -36.57 -15.62
C PRO A 260 44.54 -35.55 -14.47
N LEU A 261 43.93 -35.92 -13.33
CA LEU A 261 43.84 -35.04 -12.20
C LEU A 261 44.99 -35.14 -11.26
N SER A 262 45.85 -36.13 -11.45
CA SER A 262 46.84 -36.48 -10.41
C SER A 262 47.83 -35.39 -10.14
N GLY A 263 48.14 -34.54 -11.12
CA GLY A 263 49.08 -33.42 -10.94
C GLY A 263 48.46 -32.11 -10.54
N LEU A 264 47.14 -32.08 -10.32
CA LEU A 264 46.44 -30.85 -10.01
C LEU A 264 46.43 -30.59 -8.54
N THR A 265 47.62 -30.36 -8.01
CA THR A 265 47.83 -30.39 -6.59
C THR A 265 47.40 -29.13 -5.85
N LYS A 266 46.98 -28.10 -6.58
N LYS A 266 47.01 -28.07 -6.59
CA LYS A 266 46.38 -26.93 -5.98
CA LYS A 266 46.37 -26.90 -5.95
C LYS A 266 44.87 -27.10 -5.72
C LYS A 266 44.88 -27.17 -5.60
N LEU A 267 44.32 -28.28 -6.06
CA LEU A 267 42.87 -28.54 -5.81
C LEU A 267 42.57 -28.60 -4.34
N THR A 268 41.63 -27.79 -3.90
CA THR A 268 41.11 -27.91 -2.56
C THR A 268 39.71 -28.46 -2.52
N GLU A 269 38.98 -28.36 -3.64
CA GLU A 269 37.63 -28.91 -3.73
C GLU A 269 37.48 -29.65 -5.00
N LEU A 270 37.00 -30.86 -4.93
CA LEU A 270 36.93 -31.74 -6.09
C LEU A 270 35.66 -32.51 -6.02
N LYS A 271 34.79 -32.31 -6.98
N LYS A 271 34.72 -32.20 -6.92
CA LYS A 271 33.45 -32.88 -6.96
CA LYS A 271 33.41 -32.84 -6.97
C LYS A 271 33.29 -33.79 -8.15
C LYS A 271 33.36 -33.80 -8.16
N LEU A 272 33.22 -35.07 -7.87
CA LEU A 272 33.19 -36.14 -8.88
C LEU A 272 32.01 -37.07 -8.73
N GLY A 273 30.98 -36.61 -8.04
CA GLY A 273 29.78 -37.41 -7.86
C GLY A 273 29.12 -37.80 -9.18
N ALA A 274 28.53 -39.00 -9.24
CA ALA A 274 27.79 -39.44 -10.37
C ALA A 274 28.65 -39.51 -11.62
N ASN A 275 29.59 -40.40 -11.60
CA ASN A 275 30.43 -40.73 -12.71
C ASN A 275 30.58 -42.24 -12.82
N GLN A 276 31.66 -42.73 -13.39
CA GLN A 276 31.90 -44.17 -13.58
C GLN A 276 33.26 -44.55 -12.99
N ILE A 277 33.56 -44.00 -11.83
CA ILE A 277 34.86 -44.15 -11.22
C ILE A 277 34.90 -45.41 -10.38
N SER A 278 35.86 -46.28 -10.67
N SER A 278 35.86 -46.29 -10.71
CA SER A 278 36.14 -47.47 -9.81
CA SER A 278 36.17 -47.52 -9.93
C SER A 278 37.43 -47.42 -9.10
C SER A 278 37.39 -47.36 -9.04
N ASN A 279 38.25 -46.40 -9.36
CA ASN A 279 39.54 -46.29 -8.74
C ASN A 279 39.93 -44.84 -8.49
N ILE A 280 40.36 -44.55 -7.27
CA ILE A 280 40.73 -43.20 -6.89
C ILE A 280 42.21 -43.04 -6.54
N SER A 281 43.03 -44.01 -6.96
CA SER A 281 44.48 -43.86 -6.73
C SER A 281 45.05 -42.57 -7.29
N PRO A 282 44.58 -42.06 -8.45
CA PRO A 282 45.14 -40.81 -8.91
C PRO A 282 44.88 -39.62 -8.04
N LEU A 283 43.99 -39.74 -7.05
CA LEU A 283 43.73 -38.64 -6.16
C LEU A 283 44.62 -38.57 -4.96
N ALA A 284 45.43 -39.61 -4.76
CA ALA A 284 46.17 -39.76 -3.48
C ALA A 284 47.13 -38.63 -3.20
N GLY A 285 47.65 -37.99 -4.24
CA GLY A 285 48.58 -36.86 -4.08
C GLY A 285 47.97 -35.49 -3.94
N LEU A 286 46.62 -35.41 -3.96
CA LEU A 286 45.92 -34.15 -3.93
C LEU A 286 45.65 -33.75 -2.47
N THR A 287 46.75 -33.52 -1.75
CA THR A 287 46.65 -33.47 -0.28
C THR A 287 46.11 -32.15 0.25
N ALA A 288 45.91 -31.13 -0.65
CA ALA A 288 45.26 -29.93 -0.23
C ALA A 288 43.70 -30.05 -0.20
N LEU A 289 43.16 -31.25 -0.60
CA LEU A 289 41.71 -31.36 -0.68
C LEU A 289 41.08 -31.25 0.67
N THR A 290 40.07 -30.39 0.77
CA THR A 290 39.21 -30.31 1.98
C THR A 290 37.81 -30.86 1.72
N ASN A 291 37.41 -30.89 0.46
CA ASN A 291 36.06 -31.29 0.07
C ASN A 291 36.19 -32.21 -1.10
N LEU A 292 35.79 -33.44 -0.95
CA LEU A 292 35.84 -34.45 -2.00
C LEU A 292 34.54 -35.16 -2.10
N GLU A 293 33.96 -35.19 -3.27
CA GLU A 293 32.69 -35.88 -3.51
C GLU A 293 32.85 -36.99 -4.53
N LEU A 294 32.52 -38.18 -4.09
CA LEU A 294 32.70 -39.42 -4.86
C LEU A 294 31.46 -40.29 -4.88
N ASN A 295 30.32 -39.69 -4.50
CA ASN A 295 29.05 -40.38 -4.53
C ASN A 295 28.73 -40.88 -5.92
N GLU A 296 27.86 -41.90 -5.99
N GLU A 296 27.91 -41.94 -5.98
CA GLU A 296 27.29 -42.40 -7.22
CA GLU A 296 27.27 -42.41 -7.20
C GLU A 296 28.40 -42.77 -8.20
C GLU A 296 28.31 -42.84 -8.24
N ASN A 297 29.24 -43.68 -7.78
CA ASN A 297 30.30 -44.21 -8.60
C ASN A 297 30.37 -45.73 -8.44
N GLN A 298 31.48 -46.34 -8.79
CA GLN A 298 31.67 -47.79 -8.76
C GLN A 298 32.77 -48.16 -7.77
N LEU A 299 32.88 -47.42 -6.66
CA LEU A 299 33.94 -47.68 -5.75
C LEU A 299 33.73 -48.84 -4.86
N GLU A 300 34.76 -49.60 -4.65
N GLU A 300 34.88 -49.54 -4.57
CA GLU A 300 34.73 -50.64 -3.63
CA GLU A 300 34.97 -50.64 -3.59
C GLU A 300 35.81 -50.22 -2.65
C GLU A 300 36.15 -50.35 -2.60
N ASP A 301 37.06 -50.49 -2.97
N ASP A 301 37.38 -50.35 -3.08
CA ASP A 301 38.17 -49.99 -2.15
CA ASP A 301 38.43 -49.95 -2.21
C ASP A 301 38.32 -48.47 -2.25
C ASP A 301 38.56 -48.45 -2.25
N ILE A 302 38.49 -47.83 -1.09
CA ILE A 302 38.69 -46.38 -0.97
C ILE A 302 39.98 -46.04 -0.21
N SER A 303 40.90 -46.97 -0.12
N SER A 303 40.91 -47.01 -0.13
CA SER A 303 42.16 -46.72 0.61
CA SER A 303 42.21 -46.81 0.55
C SER A 303 42.95 -45.51 0.16
C SER A 303 42.87 -45.47 0.19
N PRO A 304 42.90 -45.07 -1.13
CA PRO A 304 43.61 -43.84 -1.50
C PRO A 304 43.18 -42.59 -0.76
N ILE A 305 42.01 -42.55 -0.16
N ILE A 305 41.99 -42.62 -0.13
CA ILE A 305 41.66 -41.30 0.61
CA ILE A 305 41.51 -41.48 0.65
C ILE A 305 42.56 -41.13 1.82
C ILE A 305 42.30 -41.23 1.92
N SER A 306 43.29 -42.19 2.17
N SER A 306 42.95 -42.25 2.48
CA SER A 306 44.09 -42.19 3.41
CA SER A 306 43.61 -42.07 3.80
C SER A 306 45.08 -41.04 3.49
C SER A 306 44.66 -41.00 3.75
N ASN A 307 45.62 -40.61 2.35
N ASN A 307 45.20 -40.81 2.53
CA ASN A 307 46.60 -39.52 2.41
CA ASN A 307 46.33 -39.84 2.27
C ASN A 307 45.96 -38.16 2.38
C ASN A 307 45.92 -38.32 2.32
N LEU A 308 44.61 -38.08 2.21
CA LEU A 308 43.97 -36.78 2.06
C LEU A 308 43.61 -36.25 3.41
N LYS A 309 44.64 -35.91 4.16
CA LYS A 309 44.54 -35.62 5.62
C LYS A 309 43.80 -34.39 5.95
N ASN A 310 43.59 -33.48 4.97
N ASN A 310 43.58 -33.52 4.95
CA ASN A 310 42.88 -32.23 5.25
CA ASN A 310 42.92 -32.26 5.16
C ASN A 310 41.38 -32.32 4.93
C ASN A 310 41.39 -32.33 4.93
N LEU A 311 40.87 -33.50 4.56
CA LEU A 311 39.43 -33.62 4.26
C LEU A 311 38.54 -33.27 5.43
N THR A 312 37.66 -32.30 5.25
N THR A 312 37.46 -32.57 5.10
CA THR A 312 36.61 -32.03 6.22
CA THR A 312 36.49 -32.07 6.03
C THR A 312 35.27 -32.60 5.77
C THR A 312 35.04 -32.46 5.57
N TYR A 313 35.06 -32.62 4.46
N TYR A 313 34.80 -32.51 4.26
CA TYR A 313 33.80 -33.10 3.88
CA TYR A 313 33.59 -33.06 3.74
C TYR A 313 34.08 -34.23 2.89
C TYR A 313 33.97 -34.17 2.81
N LEU A 314 33.31 -35.29 2.96
CA LEU A 314 33.50 -36.44 2.08
C LEU A 314 32.19 -37.12 1.77
N THR A 315 31.87 -37.26 0.51
CA THR A 315 30.71 -38.07 0.11
C THR A 315 31.11 -39.30 -0.64
N LEU A 316 30.46 -40.37 -0.30
CA LEU A 316 30.73 -41.73 -0.82
C LEU A 316 29.43 -42.50 -1.05
N TYR A 317 28.28 -41.83 -0.90
CA TYR A 317 27.00 -42.52 -1.01
C TYR A 317 26.80 -43.12 -2.39
N PHE A 318 26.12 -44.24 -2.45
N PHE A 318 26.07 -44.22 -2.47
CA PHE A 318 25.83 -44.95 -3.68
CA PHE A 318 25.88 -44.97 -3.73
C PHE A 318 27.13 -45.44 -4.39
C PHE A 318 27.18 -45.40 -4.37
N ASN A 319 27.88 -46.28 -3.69
CA ASN A 319 28.98 -46.98 -4.22
C ASN A 319 28.81 -48.46 -3.81
N ASN A 320 29.86 -49.20 -3.83
N ASN A 320 29.91 -49.23 -3.90
CA ASN A 320 29.81 -50.60 -3.38
CA ASN A 320 29.95 -50.65 -3.53
C ASN A 320 30.93 -50.86 -2.38
C ASN A 320 30.93 -50.89 -2.34
N ILE A 321 31.05 -49.91 -1.43
CA ILE A 321 32.09 -49.92 -0.44
C ILE A 321 31.69 -50.84 0.70
N SER A 322 32.56 -51.79 1.00
N SER A 322 32.54 -51.77 1.05
N SER A 322 32.53 -51.81 1.03
CA SER A 322 32.41 -52.66 2.16
CA SER A 322 32.30 -52.59 2.25
CA SER A 322 32.32 -52.62 2.24
C SER A 322 33.18 -52.13 3.37
C SER A 322 33.31 -52.36 3.39
C SER A 322 33.19 -52.14 3.41
N ASP A 323 34.39 -51.64 3.11
CA ASP A 323 35.37 -51.23 4.10
C ASP A 323 35.47 -49.72 4.13
N ILE A 324 34.80 -49.13 5.10
CA ILE A 324 34.80 -47.69 5.26
C ILE A 324 36.00 -47.19 5.99
N SER A 325 36.81 -48.08 6.52
CA SER A 325 37.84 -47.69 7.46
C SER A 325 38.89 -46.71 7.03
N PRO A 326 39.23 -46.58 5.76
CA PRO A 326 40.15 -45.53 5.40
C PRO A 326 39.76 -44.13 5.86
N VAL A 327 38.46 -43.86 6.06
CA VAL A 327 38.05 -42.57 6.56
C VAL A 327 38.56 -42.27 7.97
N SER A 328 39.00 -43.29 8.68
CA SER A 328 39.56 -43.08 10.02
C SER A 328 40.86 -42.28 10.00
N SER A 329 41.45 -42.14 8.84
CA SER A 329 42.63 -41.31 8.68
C SER A 329 42.34 -39.80 8.65
N LEU A 330 41.04 -39.40 8.65
CA LEU A 330 40.65 -38.05 8.37
C LEU A 330 40.18 -37.37 9.67
N THR A 331 41.15 -36.89 10.46
CA THR A 331 40.78 -36.34 11.81
C THR A 331 39.88 -35.18 11.74
N LYS A 332 40.00 -34.38 10.66
CA LYS A 332 39.27 -33.16 10.52
C LYS A 332 37.83 -33.38 10.00
N LEU A 333 37.47 -34.63 9.71
CA LEU A 333 36.22 -34.89 9.03
C LEU A 333 35.03 -34.36 9.81
N GLN A 334 34.18 -33.64 9.13
N GLN A 334 34.20 -33.53 9.19
CA GLN A 334 32.98 -33.08 9.67
CA GLN A 334 32.99 -32.92 9.85
C GLN A 334 31.74 -33.67 9.07
C GLN A 334 31.77 -33.51 9.30
N ARG A 335 31.76 -33.97 7.78
N ARG A 335 31.91 -34.02 8.09
CA ARG A 335 30.58 -34.48 7.12
CA ARG A 335 30.76 -34.46 7.34
C ARG A 335 31.00 -35.69 6.36
C ARG A 335 31.11 -35.70 6.48
N LEU A 336 30.34 -36.77 6.64
CA LEU A 336 30.62 -38.07 6.04
C LEU A 336 29.31 -38.69 5.64
N PHE A 337 29.09 -38.82 4.32
N PHE A 337 29.10 -38.80 4.33
CA PHE A 337 27.89 -39.42 3.77
CA PHE A 337 27.94 -39.43 3.80
C PHE A 337 28.30 -40.71 3.03
C PHE A 337 28.42 -40.71 3.11
N PHE A 338 27.79 -41.83 3.43
CA PHE A 338 28.07 -43.07 2.73
C PHE A 338 26.88 -43.98 2.71
N TYR A 339 25.69 -43.38 2.72
CA TYR A 339 24.49 -44.17 2.52
C TYR A 339 24.56 -44.97 1.19
N ASN A 340 23.89 -46.13 1.15
CA ASN A 340 23.84 -46.96 -0.04
C ASN A 340 25.21 -47.50 -0.37
N ASN A 341 25.74 -48.24 0.56
CA ASN A 341 26.95 -49.01 0.37
C ASN A 341 26.76 -50.40 1.06
N LYS A 342 27.84 -51.10 1.33
N LYS A 342 27.85 -51.09 1.31
CA LYS A 342 27.79 -52.44 1.93
CA LYS A 342 27.84 -52.44 1.88
C LYS A 342 28.56 -52.47 3.23
C LYS A 342 28.60 -52.47 3.21
N VAL A 343 28.56 -51.36 3.95
CA VAL A 343 29.32 -51.26 5.20
C VAL A 343 28.55 -51.96 6.33
N SER A 344 29.23 -52.87 7.02
N SER A 344 29.25 -52.89 7.00
CA SER A 344 28.61 -53.61 8.15
CA SER A 344 28.68 -53.69 8.13
C SER A 344 29.36 -53.43 9.46
C SER A 344 29.21 -53.24 9.48
N ASP A 345 30.35 -52.55 9.49
CA ASP A 345 31.12 -52.28 10.68
C ASP A 345 31.50 -50.83 10.68
N VAL A 346 31.03 -50.09 11.68
CA VAL A 346 31.40 -48.63 11.82
C VAL A 346 32.38 -48.38 12.96
N SER A 347 33.06 -49.44 13.43
N SER A 347 33.03 -49.45 13.42
CA SER A 347 34.05 -49.27 14.53
CA SER A 347 34.07 -49.33 14.47
C SER A 347 35.13 -48.26 14.20
C SER A 347 35.08 -48.25 14.18
N SER A 348 35.47 -48.15 12.91
CA SER A 348 36.54 -47.24 12.47
C SER A 348 36.16 -45.77 12.56
N LEU A 349 34.88 -45.48 12.82
CA LEU A 349 34.41 -44.07 12.92
C LEU A 349 34.48 -43.52 14.32
N ALA A 350 34.83 -44.36 15.29
CA ALA A 350 34.56 -44.04 16.69
C ALA A 350 35.32 -42.82 17.21
N ASN A 351 36.48 -42.53 16.58
N ASN A 351 36.49 -42.51 16.65
CA ASN A 351 37.34 -41.44 17.02
CA ASN A 351 37.23 -41.32 17.12
C ASN A 351 37.27 -40.18 16.14
C ASN A 351 37.32 -40.21 16.05
N LEU A 352 36.29 -40.14 15.21
CA LEU A 352 36.16 -39.00 14.27
C LEU A 352 35.26 -37.98 15.01
N THR A 353 35.88 -37.36 16.02
N THR A 353 35.81 -37.40 16.06
N THR A 353 35.83 -37.45 16.09
CA THR A 353 35.19 -36.55 17.01
CA THR A 353 35.01 -36.65 17.00
CA THR A 353 35.08 -36.64 17.04
C THR A 353 34.65 -35.27 16.49
C THR A 353 34.69 -35.21 16.53
C THR A 353 34.59 -35.28 16.48
N ASN A 354 35.16 -34.83 15.33
CA ASN A 354 34.71 -33.63 14.72
C ASN A 354 33.48 -33.82 13.81
N ILE A 355 32.99 -35.05 13.70
N ILE A 355 32.97 -35.06 13.74
CA ILE A 355 31.88 -35.28 12.77
CA ILE A 355 31.82 -35.34 12.88
C ILE A 355 30.63 -34.56 13.30
C ILE A 355 30.60 -34.55 13.35
N ASN A 356 30.04 -33.71 12.45
CA ASN A 356 28.76 -33.07 12.67
C ASN A 356 27.65 -33.73 11.92
N TRP A 357 27.95 -34.30 10.78
CA TRP A 357 26.92 -34.91 9.90
C TRP A 357 27.35 -36.28 9.46
N LEU A 358 26.59 -37.28 9.85
CA LEU A 358 26.87 -38.66 9.50
C LEU A 358 25.65 -39.24 8.89
N SER A 359 25.77 -39.67 7.64
CA SER A 359 24.61 -40.19 6.92
C SER A 359 24.98 -41.52 6.33
N ALA A 360 24.37 -42.59 6.85
CA ALA A 360 24.83 -43.96 6.62
C ALA A 360 23.62 -44.96 6.49
N GLY A 361 22.47 -44.44 6.08
CA GLY A 361 21.36 -45.32 5.71
C GLY A 361 21.71 -46.33 4.61
N HIS A 362 20.90 -47.37 4.48
N HIS A 362 20.91 -47.38 4.45
CA HIS A 362 21.03 -48.31 3.38
CA HIS A 362 21.12 -48.38 3.36
C HIS A 362 22.47 -48.90 3.29
C HIS A 362 22.52 -48.92 3.32
N ASN A 363 23.00 -49.33 4.46
CA ASN A 363 24.18 -50.13 4.55
C ASN A 363 23.82 -51.44 5.23
N GLN A 364 24.75 -52.07 5.89
CA GLN A 364 24.52 -53.36 6.60
C GLN A 364 24.89 -53.20 8.07
N ILE A 365 24.58 -52.03 8.63
CA ILE A 365 25.00 -51.68 9.92
C ILE A 365 24.03 -52.29 10.97
N SER A 366 24.60 -53.03 11.92
CA SER A 366 23.80 -53.66 12.98
C SER A 366 24.09 -53.15 14.34
N ASP A 367 25.13 -52.35 14.51
CA ASP A 367 25.72 -52.01 15.86
C ASP A 367 26.16 -50.56 15.86
N LEU A 368 25.40 -49.73 16.56
CA LEU A 368 25.69 -48.30 16.65
C LEU A 368 26.64 -47.92 17.76
N THR A 369 27.02 -48.88 18.59
CA THR A 369 27.83 -48.52 19.74
C THR A 369 29.12 -47.73 19.39
N PRO A 370 29.81 -47.97 18.26
CA PRO A 370 30.98 -47.17 17.99
C PRO A 370 30.72 -45.71 17.76
N LEU A 371 29.47 -45.34 17.56
CA LEU A 371 29.11 -43.94 17.30
C LEU A 371 28.84 -43.14 18.57
N ALA A 372 28.91 -43.80 19.75
CA ALA A 372 28.38 -43.17 20.97
C ALA A 372 29.07 -41.93 21.38
N ASN A 373 30.36 -41.79 21.10
N ASN A 373 30.37 -41.79 21.11
CA ASN A 373 31.10 -40.58 21.53
CA ASN A 373 31.13 -40.57 21.55
C ASN A 373 31.22 -39.52 20.41
C ASN A 373 31.13 -39.45 20.51
N LEU A 374 30.39 -39.66 19.41
CA LEU A 374 30.31 -38.62 18.32
C LEU A 374 29.24 -37.56 18.69
N THR A 375 29.50 -36.87 19.82
CA THR A 375 28.51 -36.02 20.43
C THR A 375 28.42 -34.65 19.82
N ARG A 376 29.28 -34.36 18.84
N ARG A 376 29.29 -34.37 18.83
CA ARG A 376 29.15 -33.13 18.06
CA ARG A 376 29.17 -33.16 18.04
C ARG A 376 28.25 -33.32 16.83
C ARG A 376 28.24 -33.31 16.84
N ILE A 377 27.67 -34.53 16.65
CA ILE A 377 26.75 -34.77 15.58
C ILE A 377 25.52 -33.84 15.74
N THR A 378 25.13 -33.22 14.68
CA THR A 378 23.87 -32.43 14.64
C THR A 378 22.90 -32.92 13.56
N GLN A 379 23.39 -33.72 12.60
CA GLN A 379 22.54 -34.37 11.59
C GLN A 379 23.00 -35.84 11.45
N LEU A 380 22.04 -36.72 11.41
CA LEU A 380 22.30 -38.11 11.43
C LEU A 380 21.29 -38.87 10.51
N GLY A 381 21.78 -39.90 9.84
CA GLY A 381 20.93 -40.76 9.00
C GLY A 381 21.35 -42.17 9.11
N LEU A 382 20.43 -43.04 9.56
CA LEU A 382 20.71 -44.48 9.76
C LEU A 382 19.59 -45.42 9.28
N ASN A 383 18.70 -44.88 8.44
N ASN A 383 18.71 -44.93 8.51
CA ASN A 383 17.55 -45.62 7.89
CA ASN A 383 17.54 -45.69 8.14
C ASN A 383 17.93 -46.83 7.09
C ASN A 383 17.83 -46.72 7.07
N ASP A 384 17.07 -47.85 7.15
CA ASP A 384 16.93 -48.86 6.06
C ASP A 384 18.16 -49.65 5.77
N GLN A 385 18.83 -50.08 6.80
N GLN A 385 18.78 -50.16 6.83
CA GLN A 385 19.85 -51.08 6.62
CA GLN A 385 19.88 -51.15 6.74
C GLN A 385 19.15 -52.30 5.96
C GLN A 385 19.34 -52.54 6.30
N ALA A 386 19.92 -53.12 5.29
N ALA A 386 20.23 -53.38 5.80
CA ALA A 386 19.42 -54.36 4.77
CA ALA A 386 19.85 -54.75 5.46
C ALA A 386 20.55 -55.32 4.65
C ALA A 386 21.02 -55.63 5.43
N TRP A 387 20.35 -56.54 5.11
N TRP A 387 20.89 -56.82 5.99
CA TRP A 387 21.34 -57.59 4.90
CA TRP A 387 21.91 -57.83 5.79
C TRP A 387 20.78 -58.97 5.00
C TRP A 387 21.39 -59.23 5.92
N THR A 388 21.55 -59.91 4.48
N THR A 388 22.22 -60.16 5.49
CA THR A 388 21.18 -61.31 4.38
CA THR A 388 21.89 -61.56 5.47
C THR A 388 22.19 -62.10 5.12
C THR A 388 22.85 -62.30 6.37
N ASN A 389 21.72 -62.88 6.10
N ASN A 389 22.31 -63.04 7.30
CA ASN A 389 22.60 -63.72 6.89
CA ASN A 389 23.13 -63.82 8.24
C ASN A 389 23.11 -64.88 6.10
C ASN A 389 23.83 -65.00 7.56
N ALA A 390 24.14 -65.52 6.60
N ALA A 390 24.88 -65.50 8.21
CA ALA A 390 24.58 -66.80 6.04
CA ALA A 390 25.43 -66.81 7.85
C ALA A 390 23.44 -67.78 6.14
C ALA A 390 24.29 -67.84 7.95
N PRO A 391 23.28 -68.62 5.12
N PRO A 391 24.20 -68.74 6.96
CA PRO A 391 22.19 -69.58 5.06
CA PRO A 391 23.06 -69.65 6.82
C PRO A 391 22.15 -70.50 6.25
C PRO A 391 22.74 -70.51 8.03
N VAL A 392 20.96 -70.97 6.55
N VAL A 392 21.49 -70.94 8.10
CA VAL A 392 20.77 -71.90 7.62
CA VAL A 392 21.03 -71.83 9.13
C VAL A 392 19.86 -73.07 7.14
C VAL A 392 20.02 -72.85 8.50
N ASN A 393 19.81 -74.13 7.93
N ASN A 393 20.40 -74.13 8.50
CA ASN A 393 19.06 -75.32 7.54
CA ASN A 393 19.55 -75.20 7.91
C ASN A 393 17.63 -75.27 8.03
C ASN A 393 18.06 -75.03 8.25
N TYR A 394 16.69 -75.12 7.10
N TYR A 394 17.19 -75.72 7.50
CA TYR A 394 15.30 -75.16 7.44
CA TYR A 394 15.76 -75.62 7.72
C TYR A 394 15.10 -75.99 8.69
C TYR A 394 15.29 -76.65 8.72
N LYS A 395 13.89 -75.95 9.18
N LYS A 395 14.76 -76.16 9.83
CA LYS A 395 13.52 -76.59 10.43
CA LYS A 395 14.07 -77.04 10.77
C LYS A 395 12.14 -76.11 10.82
C LYS A 395 12.63 -76.58 10.88
N ALA A 396 11.17 -77.02 10.95
N ALA A 396 11.94 -77.07 11.91
CA ALA A 396 9.83 -76.59 11.34
CA ALA A 396 10.57 -76.68 12.16
C ALA A 396 9.95 -75.56 12.45
C ALA A 396 10.53 -75.55 13.20
N ASN A 397 10.88 -75.81 13.38
N ASN A 397 11.69 -75.20 13.75
CA ASN A 397 11.16 -74.87 14.43
CA ASN A 397 11.76 -74.31 14.92
C ASN A 397 12.58 -74.26 14.26
C ASN A 397 13.13 -73.55 15.11
N VAL A 398 12.62 -72.97 13.96
N VAL A 398 13.64 -72.94 14.04
CA VAL A 398 13.89 -72.31 13.61
CA VAL A 398 14.87 -72.10 14.11
C VAL A 398 14.12 -71.08 14.46
C VAL A 398 14.90 -71.17 15.35
N SER A 399 15.34 -70.91 14.95
N SER A 399 16.10 -70.80 15.74
CA SER A 399 15.65 -69.83 15.88
CA SER A 399 16.31 -69.84 16.84
C SER A 399 17.03 -69.18 15.58
C SER A 399 17.68 -69.14 16.71
N ILE A 400 17.05 -67.85 15.56
N ILE A 400 17.67 -67.81 16.54
CA ILE A 400 18.33 -67.10 15.40
CA ILE A 400 18.94 -67.05 16.38
C ILE A 400 18.40 -65.97 16.42
C ILE A 400 19.05 -65.85 17.37
N PRO A 401 19.60 -65.64 16.85
N PRO A 401 20.27 -65.51 17.75
CA PRO A 401 19.80 -64.53 17.77
CA PRO A 401 20.51 -64.34 18.60
C PRO A 401 19.71 -63.13 17.10
C PRO A 401 20.24 -63.08 17.85
N ASN A 402 19.13 -62.19 17.82
N ASN A 402 19.42 -62.22 18.44
CA ASN A 402 19.14 -60.75 17.49
CA ASN A 402 19.26 -60.86 18.01
C ASN A 402 20.55 -60.12 17.77
C ASN A 402 20.53 -60.16 18.35
N THR A 403 21.10 -59.36 16.79
N THR A 403 21.11 -59.50 17.34
CA THR A 403 22.46 -58.74 16.92
CA THR A 403 22.40 -58.81 17.49
C THR A 403 22.35 -57.25 16.85
C THR A 403 22.34 -57.26 17.21
N VAL A 404 21.14 -56.76 16.81
CA VAL A 404 20.95 -55.34 16.51
C VAL A 404 21.12 -54.50 17.80
N LYS A 405 22.12 -53.62 17.82
N LYS A 405 22.08 -53.60 17.82
CA LYS A 405 22.50 -52.81 19.00
CA LYS A 405 22.43 -52.87 19.02
C LYS A 405 22.32 -51.35 18.76
C LYS A 405 22.39 -51.37 18.81
N ASN A 406 21.65 -50.70 19.69
CA ASN A 406 21.55 -49.26 19.71
C ASN A 406 22.84 -48.62 20.15
N VAL A 407 22.89 -47.28 20.09
CA VAL A 407 24.10 -46.55 20.42
C VAL A 407 24.53 -46.78 21.91
N THR A 408 23.54 -47.08 22.75
CA THR A 408 23.78 -47.38 24.16
C THR A 408 24.31 -48.76 24.39
N GLY A 409 24.30 -49.58 23.35
CA GLY A 409 24.64 -50.98 23.52
C GLY A 409 23.49 -51.91 23.77
N ALA A 410 22.30 -51.36 24.01
CA ALA A 410 21.11 -52.22 24.19
C ALA A 410 20.70 -52.90 22.93
N LEU A 411 20.19 -54.14 23.03
CA LEU A 411 19.56 -54.78 21.94
C LEU A 411 18.28 -54.10 21.58
N ILE A 412 18.03 -53.92 20.29
CA ILE A 412 16.78 -53.39 19.77
C ILE A 412 15.87 -54.54 19.40
N ALA A 413 14.68 -54.60 20.03
CA ALA A 413 13.72 -55.65 19.75
C ALA A 413 13.24 -55.53 18.32
N PRO A 414 13.03 -56.66 17.59
CA PRO A 414 12.41 -56.58 16.30
C PRO A 414 11.08 -55.86 16.28
N ALA A 415 10.84 -55.08 15.22
CA ALA A 415 9.55 -54.42 14.99
C ALA A 415 8.56 -55.38 14.36
N THR A 416 8.98 -56.10 13.35
N THR A 416 9.07 -56.26 13.49
CA THR A 416 8.12 -57.13 12.69
CA THR A 416 8.33 -57.43 12.97
C THR A 416 8.91 -58.32 12.47
C THR A 416 9.24 -58.65 12.91
N ILE A 417 8.22 -59.46 12.38
N ILE A 417 8.62 -59.85 12.99
CA ILE A 417 8.84 -60.75 12.11
CA ILE A 417 9.35 -61.13 12.75
C ILE A 417 7.99 -61.50 11.13
C ILE A 417 8.57 -61.97 11.76
N SER A 418 8.63 -62.10 10.13
N SER A 418 9.29 -62.56 10.80
CA SER A 418 7.90 -62.78 9.09
CA SER A 418 8.63 -63.28 9.72
C SER A 418 7.35 -64.10 9.57
C SER A 418 8.00 -64.57 10.21
N ASP A 419 6.49 -64.70 8.75
N ASP A 419 7.02 -65.04 9.44
CA ASP A 419 6.04 -66.07 8.94
CA ASP A 419 6.43 -66.37 9.59
C ASP A 419 5.63 -66.36 10.38
C ASP A 419 5.66 -66.59 10.93
N GLY A 420 4.87 -65.43 10.93
N GLY A 420 5.57 -65.55 11.75
CA GLY A 420 4.29 -65.55 12.27
CA GLY A 420 4.96 -65.69 13.07
C GLY A 420 5.30 -65.74 13.38
C GLY A 420 6.06 -65.93 14.09
N GLY A 421 6.56 -65.40 13.12
N GLY A 421 7.19 -65.33 13.82
CA GLY A 421 7.64 -65.60 14.11
CA GLY A 421 8.31 -65.42 14.69
C GLY A 421 7.48 -64.70 15.34
C GLY A 421 8.09 -64.73 16.02
N SER A 422 8.23 -65.02 16.39
N SER A 422 9.00 -64.99 16.96
CA SER A 422 8.07 -64.37 17.68
CA SER A 422 8.83 -64.60 18.35
C SER A 422 9.43 -64.08 18.29
C SER A 422 10.17 -64.11 18.99
N TYR A 423 9.41 -63.26 19.34
N TYR A 423 10.08 -63.13 19.88
CA TYR A 423 10.63 -62.79 19.97
CA TYR A 423 11.27 -62.52 20.47
C TYR A 423 10.59 -62.93 21.47
C TYR A 423 11.24 -62.45 21.98
N THR A 424 11.61 -63.55 22.00
N THR A 424 12.28 -62.99 22.58
CA THR A 424 11.89 -63.47 23.42
CA THR A 424 12.55 -62.79 23.97
C THR A 424 13.36 -63.15 23.54
C THR A 424 14.06 -62.52 24.13
N GLU A 425 13.67 -61.94 23.98
N GLU A 425 14.40 -61.25 24.42
CA GLU A 425 15.07 -61.49 24.01
CA GLU A 425 15.80 -60.82 24.45
C GLU A 425 15.97 -62.63 24.46
C GLU A 425 16.62 -61.94 25.10
N PRO A 426 17.03 -62.94 23.73
N PRO A 426 17.70 -62.39 24.44
CA PRO A 426 17.44 -62.31 22.46
CA PRO A 426 18.19 -61.84 23.16
C PRO A 426 17.04 -63.12 21.19
C PRO A 426 17.80 -62.68 21.94
N ASP A 427 16.14 -64.05 21.33
N ASP A 427 16.94 -63.66 22.12
CA ASP A 427 15.94 -65.01 20.28
CA ASP A 427 16.76 -64.68 21.08
C ASP A 427 14.74 -64.73 19.45
C ASP A 427 15.51 -64.56 20.23
N ILE A 428 14.94 -64.81 18.15
N ILE A 428 15.67 -64.83 18.93
CA ILE A 428 13.84 -64.74 17.20
CA ILE A 428 14.57 -64.88 17.98
C ILE A 428 13.52 -66.15 16.73
C ILE A 428 14.39 -66.34 17.48
N THR A 429 12.25 -66.58 16.93
N THR A 429 13.13 -66.74 17.15
CA THR A 429 11.90 -67.96 16.83
CA THR A 429 12.78 -68.19 16.78
C THR A 429 10.69 -68.09 15.97
C THR A 429 11.60 -68.34 15.69
N TRP A 430 10.78 -69.05 15.01
N TRP A 430 11.52 -69.51 14.95
CA TRP A 430 9.71 -69.35 14.05
CA TRP A 430 10.39 -69.73 13.99
C TRP A 430 9.23 -70.80 14.23
C TRP A 430 9.73 -71.10 14.16
N ASN A 431 7.98 -71.03 13.86
N ASN A 431 8.42 -71.13 13.89
CA ASN A 431 7.43 -72.37 13.71
CA ASN A 431 7.63 -72.35 13.90
C ASN A 431 6.84 -72.44 12.29
C ASN A 431 7.25 -72.64 12.48
N LEU A 432 7.56 -73.15 11.41
N LEU A 432 7.86 -73.64 11.88
CA LEU A 432 7.23 -73.17 9.96
CA LEU A 432 7.60 -73.94 10.48
C LEU A 432 6.67 -74.52 9.54
C LEU A 432 7.11 -75.38 10.30
N PRO A 433 5.36 -74.58 9.31
N PRO A 433 5.82 -75.51 9.97
CA PRO A 433 4.68 -75.84 9.01
CA PRO A 433 5.26 -76.78 9.56
C PRO A 433 5.46 -76.67 8.01
C PRO A 433 5.33 -76.95 8.01
N SER A 434 5.83 -76.04 6.89
N SER A 434 6.46 -76.54 7.41
CA SER A 434 6.59 -76.72 5.84
CA SER A 434 6.64 -76.66 5.95
C SER A 434 7.80 -75.87 5.37
C SER A 434 7.87 -75.87 5.46
N TYR A 435 8.67 -76.47 4.54
CA TYR A 435 9.91 -75.80 4.05
C TYR A 435 9.67 -74.40 3.47
N THR A 436 10.51 -73.44 3.90
N THR A 436 10.54 -73.46 3.87
CA THR A 436 10.45 -72.05 3.43
CA THR A 436 10.65 -72.15 3.22
C THR A 436 11.86 -71.64 3.00
C THR A 436 12.16 -71.72 3.18
N ASN A 437 11.98 -70.93 1.89
N ASN A 437 12.54 -70.98 2.13
CA ASN A 437 13.30 -70.56 1.36
CA ASN A 437 13.96 -70.64 1.89
C ASN A 437 13.98 -69.44 2.19
C ASN A 437 14.60 -69.82 3.03
N GLU A 438 13.18 -68.67 2.91
N GLU A 438 13.90 -68.82 3.50
CA GLU A 438 13.72 -67.58 3.76
CA GLU A 438 14.45 -67.87 4.46
C GLU A 438 12.73 -67.15 4.84
C GLU A 438 13.50 -67.58 5.61
N VAL A 439 13.27 -66.57 5.90
N VAL A 439 14.07 -67.11 6.72
CA VAL A 439 12.46 -65.86 6.89
CA VAL A 439 13.29 -66.40 7.72
C VAL A 439 13.14 -64.53 7.09
C VAL A 439 14.00 -65.06 7.97
N SER A 440 12.46 -63.59 7.75
N SER A 440 13.29 -64.14 8.55
CA SER A 440 13.04 -62.22 7.91
CA SER A 440 13.84 -62.78 8.68
C SER A 440 12.43 -61.50 9.06
C SER A 440 13.10 -61.94 9.66
N TYR A 441 13.07 -60.40 9.45
N TYR A 441 13.69 -60.80 9.99
CA TYR A 441 12.48 -59.48 10.43
CA TYR A 441 13.06 -59.86 10.87
C TYR A 441 12.94 -58.07 10.17
C TYR A 441 13.48 -58.41 10.57
N THR A 442 12.28 -57.14 10.80
N THR A 442 12.69 -57.46 11.06
CA THR A 442 12.70 -55.76 10.73
CA THR A 442 13.00 -56.04 10.91
C THR A 442 12.89 -55.19 12.11
C THR A 442 13.15 -55.37 12.23
N PHE A 443 13.70 -54.13 12.20
CA PHE A 443 13.81 -53.30 13.39
C PHE A 443 13.62 -51.86 13.00
N SER A 444 13.19 -51.03 13.95
CA SER A 444 12.94 -49.65 13.70
C SER A 444 12.99 -48.90 14.99
N GLN A 445 14.07 -48.15 15.19
CA GLN A 445 14.36 -47.46 16.45
C GLN A 445 14.81 -46.03 16.24
N PRO A 446 13.98 -45.06 16.58
CA PRO A 446 14.48 -43.68 16.69
C PRO A 446 15.65 -43.58 17.61
N VAL A 447 16.61 -42.73 17.24
CA VAL A 447 17.79 -42.50 18.01
C VAL A 447 18.34 -41.15 17.72
N THR A 448 18.91 -40.54 18.75
CA THR A 448 19.63 -39.28 18.67
C THR A 448 21.06 -39.51 19.17
N ILE A 449 22.05 -38.98 18.46
CA ILE A 449 23.42 -38.85 18.92
C ILE A 449 23.81 -37.42 18.85
N GLY A 450 24.26 -36.85 19.98
CA GLY A 450 24.45 -35.45 20.09
C GLY A 450 23.12 -34.74 19.92
N LYS A 451 22.93 -34.00 18.82
N LYS A 451 22.93 -34.01 18.82
CA LYS A 451 21.67 -33.34 18.51
CA LYS A 451 21.63 -33.38 18.50
C LYS A 451 21.06 -33.87 17.21
C LYS A 451 20.96 -34.07 17.33
N GLY A 452 21.71 -34.85 16.58
CA GLY A 452 21.22 -35.43 15.33
C GLY A 452 20.30 -36.59 15.57
N THR A 453 19.16 -36.58 14.94
CA THR A 453 18.16 -37.59 15.13
C THR A 453 17.83 -38.31 13.83
N THR A 454 17.54 -39.59 13.94
CA THR A 454 17.19 -40.43 12.82
C THR A 454 16.37 -41.61 13.32
N THR A 455 16.00 -42.48 12.42
CA THR A 455 15.52 -43.78 12.76
C THR A 455 16.56 -44.81 12.26
N PHE A 456 17.08 -45.59 13.18
N PHE A 456 17.02 -45.63 13.17
CA PHE A 456 17.96 -46.72 12.86
CA PHE A 456 17.88 -46.74 12.85
C PHE A 456 17.05 -47.89 12.62
C PHE A 456 16.95 -47.94 12.57
N SER A 457 17.10 -48.46 11.44
N SER A 457 16.67 -48.18 11.28
CA SER A 457 16.16 -49.47 11.05
CA SER A 457 15.74 -49.25 10.85
C SER A 457 16.76 -50.37 10.03
C SER A 457 16.45 -50.19 9.89
N GLY A 458 16.11 -51.49 9.79
N GLY A 458 15.99 -51.44 9.79
CA GLY A 458 16.58 -52.39 8.80
CA GLY A 458 16.70 -52.44 8.99
C GLY A 458 15.65 -53.52 8.54
C GLY A 458 15.98 -53.79 8.88
N THR A 459 15.99 -54.28 7.54
N THR A 459 16.45 -54.60 7.96
CA THR A 459 15.35 -55.53 7.25
CA THR A 459 15.85 -55.92 7.69
C THR A 459 16.45 -56.58 7.15
C THR A 459 16.94 -56.95 7.66
N VAL A 460 16.28 -57.65 7.88
N VAL A 460 16.78 -57.97 8.45
CA VAL A 460 17.27 -58.71 7.96
CA VAL A 460 17.79 -58.99 8.56
C VAL A 460 16.66 -59.98 7.34
C VAL A 460 17.22 -60.29 8.00
N THR A 461 17.37 -60.55 6.39
N THR A 461 17.96 -60.90 7.13
CA THR A 461 16.90 -61.75 5.66
CA THR A 461 17.54 -62.14 6.54
C THR A 461 17.68 -62.97 6.07
C THR A 461 18.38 -63.29 7.11
N GLN A 462 16.94 -64.04 6.40
N GLN A 462 17.71 -64.37 7.45
CA GLN A 462 17.57 -65.29 6.79
CA GLN A 462 18.36 -65.55 7.94
C GLN A 462 17.28 -66.41 5.79
C GLN A 462 18.12 -66.72 6.98
N PRO A 463 18.23 -66.74 4.94
N PRO A 463 19.13 -67.01 6.16
CA PRO A 463 18.01 -67.84 4.00
CA PRO A 463 19.05 -68.10 5.18
C PRO A 463 17.84 -69.16 4.73
C PRO A 463 18.72 -69.43 5.81
N LEU A 464 16.98 -70.05 4.19
N LEU A 464 17.86 -70.19 5.15
CA LEU A 464 16.82 -71.38 4.74
CA LEU A 464 17.57 -71.57 5.54
C LEU A 464 17.15 -72.43 3.70
C LEU A 464 17.94 -72.48 4.35
N LYS A 465 18.15 -73.27 4.03
N LYS A 465 18.56 -73.60 4.64
CA LYS A 465 18.69 -74.30 3.09
CA LYS A 465 19.23 -74.38 3.57
C LYS A 465 17.84 -75.58 3.04
C LYS A 465 18.63 -75.78 3.27
N ALA A 466 17.80 -76.31 4.17
N ALA B 6 -35.53 72.80 -10.33
CA ALA B 6 -36.87 73.20 -9.86
C ALA B 6 -36.76 74.06 -8.61
N THR B 7 -37.52 75.17 -8.57
CA THR B 7 -37.65 75.98 -7.36
C THR B 7 -39.07 76.27 -7.07
N ILE B 8 -39.38 76.37 -5.79
CA ILE B 8 -40.68 76.78 -5.39
C ILE B 8 -40.69 78.28 -5.54
N THR B 9 -41.76 78.76 -6.13
CA THR B 9 -41.84 80.16 -6.54
C THR B 9 -42.50 81.05 -5.46
N GLN B 10 -43.08 80.43 -4.43
CA GLN B 10 -43.57 81.13 -3.23
C GLN B 10 -43.40 80.19 -2.06
N ASP B 11 -43.29 80.71 -0.85
CA ASP B 11 -43.20 79.84 0.37
C ASP B 11 -44.39 78.94 0.34
N THR B 12 -44.18 77.66 0.63
CA THR B 12 -45.17 76.65 0.40
C THR B 12 -45.21 75.70 1.58
N PRO B 13 -46.41 75.25 2.02
CA PRO B 13 -46.48 74.25 3.09
C PRO B 13 -45.65 73.03 2.76
N ILE B 14 -45.00 72.48 3.78
CA ILE B 14 -44.10 71.33 3.53
C ILE B 14 -44.84 70.22 2.83
N ASN B 15 -46.08 69.93 3.25
CA ASN B 15 -46.84 68.79 2.72
C ASN B 15 -47.50 69.03 1.37
N GLN B 16 -47.34 70.24 0.83
CA GLN B 16 -47.69 70.51 -0.57
C GLN B 16 -46.49 70.40 -1.48
N ILE B 17 -45.29 70.46 -0.90
CA ILE B 17 -44.03 70.20 -1.64
C ILE B 17 -43.82 68.69 -1.68
N PHE B 18 -43.79 68.09 -0.48
CA PHE B 18 -43.57 66.68 -0.30
C PHE B 18 -44.89 66.05 0.01
N THR B 19 -45.53 65.54 -1.00
CA THR B 19 -46.94 65.06 -0.84
C THR B 19 -47.04 63.73 -0.13
N ASP B 20 -45.93 62.99 -0.08
CA ASP B 20 -45.90 61.77 0.70
C ASP B 20 -45.91 62.11 2.19
N THR B 21 -46.86 61.51 2.91
N THR B 21 -46.88 61.56 2.94
CA THR B 21 -47.09 61.82 4.32
CA THR B 21 -47.03 61.96 4.37
C THR B 21 -45.82 61.56 5.16
C THR B 21 -45.82 61.57 5.23
N ALA B 22 -45.17 60.43 4.92
CA ALA B 22 -43.93 60.09 5.65
C ALA B 22 -42.79 60.99 5.29
N LEU B 23 -42.64 61.33 4.03
CA LEU B 23 -41.57 62.23 3.65
C LEU B 23 -41.80 63.65 4.17
N ALA B 24 -43.05 64.12 4.18
CA ALA B 24 -43.33 65.43 4.73
C ALA B 24 -42.99 65.51 6.21
N GLU B 25 -43.29 64.44 6.95
CA GLU B 25 -42.95 64.38 8.33
C GLU B 25 -41.44 64.43 8.54
N LYS B 26 -40.69 63.75 7.67
CA LYS B 26 -39.25 63.78 7.76
C LYS B 26 -38.71 65.16 7.45
N MET B 27 -39.24 65.78 6.40
CA MET B 27 -38.79 67.10 5.98
C MET B 27 -39.11 68.19 7.01
N LYS B 28 -40.20 68.03 7.73
CA LYS B 28 -40.54 68.94 8.80
C LYS B 28 -39.38 69.00 9.80
N THR B 29 -38.88 67.81 10.22
CA THR B 29 -37.75 67.78 11.17
C THR B 29 -36.49 68.34 10.54
N VAL B 30 -36.22 67.95 9.32
CA VAL B 30 -35.01 68.43 8.62
C VAL B 30 -34.99 69.96 8.49
N LEU B 31 -36.16 70.54 8.22
CA LEU B 31 -36.29 71.99 7.95
C LEU B 31 -36.52 72.83 9.23
N GLY B 32 -36.50 72.18 10.41
CA GLY B 32 -36.63 72.89 11.69
C GLY B 32 -38.03 73.44 11.92
N LYS B 33 -39.03 72.74 11.36
N LYS B 33 -39.03 72.74 11.37
CA LYS B 33 -40.43 73.14 11.50
CA LYS B 33 -40.43 73.14 11.51
C LYS B 33 -41.15 72.24 12.48
C LYS B 33 -41.13 72.26 12.52
N THR B 34 -42.36 72.65 12.90
CA THR B 34 -43.14 71.89 13.92
C THR B 34 -44.44 71.32 13.44
N ASN B 35 -44.79 71.56 12.17
CA ASN B 35 -45.98 71.02 11.59
C ASN B 35 -45.71 70.83 10.16
N VAL B 36 -46.21 69.73 9.57
CA VAL B 36 -46.04 69.48 8.15
C VAL B 36 -46.79 70.49 7.26
N THR B 37 -47.74 71.27 7.84
CA THR B 37 -48.39 72.35 7.12
C THR B 37 -47.66 73.71 7.25
N ASP B 38 -46.53 73.75 7.98
CA ASP B 38 -45.71 74.95 8.02
C ASP B 38 -45.18 75.27 6.64
N THR B 39 -45.17 76.54 6.27
CA THR B 39 -44.56 76.96 5.03
C THR B 39 -43.07 76.99 5.18
N VAL B 40 -42.40 76.67 4.08
CA VAL B 40 -40.95 76.85 3.94
C VAL B 40 -40.64 77.60 2.69
N SER B 41 -39.49 78.26 2.67
CA SER B 41 -39.02 78.99 1.47
C SER B 41 -38.03 78.16 0.67
N GLN B 42 -37.77 78.55 -0.57
CA GLN B 42 -36.68 77.92 -1.34
C GLN B 42 -35.32 78.08 -0.63
N THR B 43 -35.11 79.24 0.01
N THR B 43 -35.06 79.23 0.03
CA THR B 43 -33.93 79.45 0.80
CA THR B 43 -33.79 79.37 0.79
C THR B 43 -33.78 78.32 1.87
C THR B 43 -33.73 78.39 2.00
N ASP B 44 -34.89 77.99 2.54
CA ASP B 44 -34.92 76.92 3.56
C ASP B 44 -34.51 75.60 2.89
N LEU B 45 -35.11 75.33 1.74
CA LEU B 45 -34.86 74.06 1.01
C LEU B 45 -33.36 73.99 0.54
N ASP B 46 -32.81 75.13 0.16
CA ASP B 46 -31.42 75.22 -0.33
C ASP B 46 -30.42 74.84 0.70
N GLN B 47 -30.79 74.83 1.97
CA GLN B 47 -29.87 74.51 3.05
C GLN B 47 -29.64 72.99 3.19
N VAL B 48 -30.48 72.19 2.54
CA VAL B 48 -30.44 70.72 2.74
C VAL B 48 -29.42 70.13 1.74
N THR B 49 -28.34 69.59 2.26
CA THR B 49 -27.27 68.99 1.40
C THR B 49 -27.24 67.46 1.52
N THR B 50 -27.73 66.92 2.59
N THR B 50 -27.83 66.92 2.56
CA THR B 50 -27.89 65.47 2.74
CA THR B 50 -27.88 65.48 2.75
C THR B 50 -29.27 65.15 3.24
C THR B 50 -29.18 65.07 3.40
N LEU B 51 -29.72 63.92 2.98
CA LEU B 51 -31.02 63.50 3.39
C LEU B 51 -30.98 62.02 3.67
N GLN B 52 -31.13 61.68 4.93
N GLN B 52 -31.10 61.66 4.95
CA GLN B 52 -31.18 60.30 5.40
CA GLN B 52 -31.10 60.25 5.39
C GLN B 52 -32.60 59.97 5.70
C GLN B 52 -32.53 59.82 5.77
N ALA B 53 -33.26 59.35 4.75
CA ALA B 53 -34.71 59.08 4.80
C ALA B 53 -35.00 57.60 4.55
N ASP B 54 -34.16 56.78 5.10
CA ASP B 54 -34.28 55.37 4.97
C ASP B 54 -35.31 54.80 5.93
N ARG B 55 -36.03 53.75 5.49
N ARG B 55 -35.98 53.71 5.49
N ARG B 55 -36.02 53.73 5.47
CA ARG B 55 -36.88 52.96 6.39
CA ARG B 55 -36.97 52.97 6.32
CA ARG B 55 -36.93 52.94 6.31
C ARG B 55 -38.11 53.75 6.95
C ARG B 55 -37.98 53.92 6.96
C ARG B 55 -38.05 53.80 6.95
N LEU B 56 -38.71 54.61 6.11
CA LEU B 56 -39.79 55.51 6.57
C LEU B 56 -41.10 55.25 5.92
N GLY B 57 -41.21 54.22 5.09
CA GLY B 57 -42.48 53.89 4.44
C GLY B 57 -42.85 54.89 3.38
N ILE B 58 -41.85 55.50 2.72
CA ILE B 58 -42.08 56.54 1.70
C ILE B 58 -42.44 55.88 0.39
N LYS B 59 -43.52 56.33 -0.23
CA LYS B 59 -43.96 55.79 -1.45
C LYS B 59 -43.68 56.73 -2.61
N SER B 60 -43.40 58.00 -2.32
CA SER B 60 -43.10 59.01 -3.38
C SER B 60 -42.11 60.01 -2.87
N ILE B 61 -41.13 60.35 -3.72
CA ILE B 61 -40.20 61.41 -3.45
C ILE B 61 -40.51 62.69 -4.16
N ASP B 62 -41.77 62.85 -4.57
CA ASP B 62 -42.19 64.12 -5.10
C ASP B 62 -41.82 65.23 -4.08
N GLY B 63 -41.23 66.33 -4.61
CA GLY B 63 -40.75 67.43 -3.84
C GLY B 63 -39.27 67.50 -3.69
N VAL B 64 -38.57 66.35 -3.79
N VAL B 64 -38.61 66.33 -3.81
CA VAL B 64 -37.09 66.42 -3.59
CA VAL B 64 -37.16 66.25 -3.63
C VAL B 64 -36.39 67.12 -4.73
C VAL B 64 -36.40 67.04 -4.73
N GLU B 65 -37.06 67.26 -5.87
CA GLU B 65 -36.49 68.05 -6.97
C GLU B 65 -36.13 69.51 -6.52
N TYR B 66 -36.82 70.00 -5.50
CA TYR B 66 -36.55 71.34 -4.96
C TYR B 66 -35.40 71.44 -4.02
N LEU B 67 -34.84 70.28 -3.64
CA LEU B 67 -33.69 70.23 -2.79
C LEU B 67 -32.46 70.24 -3.67
N ASN B 68 -32.25 71.35 -4.34
CA ASN B 68 -31.27 71.47 -5.42
C ASN B 68 -29.81 71.24 -4.96
N ASN B 69 -29.53 71.47 -3.68
CA ASN B 69 -28.17 71.37 -3.18
C ASN B 69 -27.80 70.00 -2.55
N LEU B 70 -28.68 69.02 -2.73
CA LEU B 70 -28.39 67.65 -2.26
C LEU B 70 -27.19 67.07 -2.94
N THR B 71 -26.27 66.62 -2.13
CA THR B 71 -25.11 65.84 -2.60
C THR B 71 -25.20 64.34 -2.22
N GLN B 72 -25.95 64.03 -1.17
N GLN B 72 -25.95 64.00 -1.16
CA GLN B 72 -26.09 62.66 -0.71
CA GLN B 72 -26.01 62.62 -0.70
C GLN B 72 -27.50 62.40 -0.32
C GLN B 72 -27.40 62.29 -0.17
N ILE B 73 -28.03 61.25 -0.74
CA ILE B 73 -29.34 60.81 -0.30
C ILE B 73 -29.37 59.36 0.06
N ASN B 74 -30.22 59.04 0.99
CA ASN B 74 -30.49 57.67 1.42
C ASN B 74 -31.99 57.50 1.47
N PHE B 75 -32.56 56.84 0.44
N PHE B 75 -32.56 56.82 0.47
CA PHE B 75 -33.96 56.46 0.41
CA PHE B 75 -33.97 56.42 0.48
C PHE B 75 -34.13 54.92 0.44
C PHE B 75 -34.12 54.91 0.45
N SER B 76 -33.13 54.21 0.98
CA SER B 76 -33.16 52.78 0.99
C SER B 76 -34.29 52.29 1.89
N ASN B 77 -34.80 51.11 1.59
N ASN B 77 -34.80 51.09 1.59
CA ASN B 77 -35.86 50.46 2.39
CA ASN B 77 -35.85 50.45 2.41
C ASN B 77 -37.11 51.31 2.51
C ASN B 77 -37.12 51.28 2.52
N ASN B 78 -37.62 51.68 1.36
CA ASN B 78 -38.88 52.37 1.27
C ASN B 78 -39.72 51.63 0.25
N GLN B 79 -40.68 52.33 -0.34
N GLN B 79 -40.75 52.29 -0.27
CA GLN B 79 -41.58 51.72 -1.29
CA GLN B 79 -41.56 51.68 -1.35
C GLN B 79 -41.59 52.48 -2.60
C GLN B 79 -41.61 52.60 -2.51
N LEU B 80 -40.43 52.99 -3.00
CA LEU B 80 -40.34 53.86 -4.18
C LEU B 80 -40.46 53.08 -5.42
N THR B 81 -41.09 53.72 -6.41
N THR B 81 -41.16 53.62 -6.38
CA THR B 81 -41.09 53.26 -7.79
CA THR B 81 -41.28 52.95 -7.67
C THR B 81 -40.52 54.39 -8.70
C THR B 81 -40.69 53.84 -8.70
N ASP B 82 -41.17 55.58 -8.69
N ASP B 82 -41.05 55.12 -8.61
N ASP B 82 -40.92 55.08 -8.93
CA ASP B 82 -40.80 56.65 -9.56
CA ASP B 82 -40.59 56.13 -9.56
CA ASP B 82 -40.72 56.38 -9.57
C ASP B 82 -39.69 57.44 -8.94
C ASP B 82 -39.62 57.14 -8.88
C ASP B 82 -39.62 57.17 -8.86
N ILE B 83 -38.56 57.52 -9.62
CA ILE B 83 -37.49 58.39 -9.12
C ILE B 83 -37.25 59.60 -10.02
N THR B 84 -38.30 60.01 -10.79
N THR B 84 -38.31 59.98 -10.77
CA THR B 84 -38.13 61.18 -11.69
CA THR B 84 -38.24 61.12 -11.67
C THR B 84 -37.73 62.45 -10.96
C THR B 84 -37.76 62.42 -10.96
N PRO B 85 -38.18 62.68 -9.69
CA PRO B 85 -37.71 63.86 -8.96
C PRO B 85 -36.22 64.00 -8.82
N LEU B 86 -35.45 62.94 -9.05
CA LEU B 86 -34.00 63.06 -9.00
C LEU B 86 -33.32 63.61 -10.26
N LYS B 87 -34.06 63.69 -11.37
N LYS B 87 -34.06 63.70 -11.37
N LYS B 87 -34.08 63.68 -11.38
CA LYS B 87 -33.48 63.90 -12.72
CA LYS B 87 -33.42 63.84 -12.70
CA LYS B 87 -33.55 64.00 -12.75
C LYS B 87 -32.49 65.08 -12.82
C LYS B 87 -32.55 65.08 -12.90
C LYS B 87 -32.52 65.08 -12.81
N ASN B 88 -32.82 66.18 -12.15
CA ASN B 88 -31.99 67.41 -12.28
C ASN B 88 -31.19 67.73 -11.06
N LEU B 89 -31.06 66.75 -10.15
CA LEU B 89 -30.28 66.94 -8.94
C LEU B 89 -28.84 66.59 -9.25
N THR B 90 -28.21 67.43 -10.03
CA THR B 90 -26.91 67.09 -10.63
C THR B 90 -25.75 67.31 -9.67
N LYS B 91 -26.00 67.84 -8.49
CA LYS B 91 -24.94 67.89 -7.46
C LYS B 91 -24.86 66.56 -6.70
N LEU B 92 -25.78 65.63 -6.99
CA LEU B 92 -25.73 64.33 -6.25
C LEU B 92 -24.42 63.59 -6.52
N VAL B 93 -23.74 63.20 -5.46
N VAL B 93 -23.78 63.14 -5.46
CA VAL B 93 -22.54 62.37 -5.55
CA VAL B 93 -22.53 62.36 -5.51
C VAL B 93 -22.84 60.91 -5.11
C VAL B 93 -22.70 60.94 -4.94
N ASP B 94 -23.73 60.71 -4.12
CA ASP B 94 -23.96 59.38 -3.57
C ASP B 94 -25.43 59.14 -3.40
N ILE B 95 -25.92 58.04 -3.94
CA ILE B 95 -27.29 57.62 -3.76
C ILE B 95 -27.33 56.23 -3.16
N LEU B 96 -28.05 56.12 -2.05
CA LEU B 96 -28.38 54.83 -1.47
C LEU B 96 -29.88 54.66 -1.64
N MET B 97 -30.28 53.68 -2.44
CA MET B 97 -31.69 53.48 -2.76
C MET B 97 -31.99 52.00 -2.98
N ASN B 98 -31.22 51.13 -2.34
CA ASN B 98 -31.56 49.72 -2.35
C ASN B 98 -32.92 49.48 -1.66
N ASN B 99 -33.54 48.31 -1.93
CA ASN B 99 -34.76 47.88 -1.22
C ASN B 99 -35.90 48.86 -1.43
N ASN B 100 -36.21 49.05 -2.70
CA ASN B 100 -37.43 49.73 -3.11
C ASN B 100 -38.09 48.85 -4.19
N GLN B 101 -38.93 49.43 -5.05
CA GLN B 101 -39.52 48.70 -6.16
C GLN B 101 -39.26 49.46 -7.43
N ILE B 102 -38.03 49.89 -7.62
CA ILE B 102 -37.65 50.70 -8.77
C ILE B 102 -37.37 49.81 -9.94
N ALA B 103 -37.99 50.12 -11.06
CA ALA B 103 -37.72 49.46 -12.32
C ALA B 103 -37.05 50.39 -13.31
N ASP B 104 -37.52 51.61 -13.38
CA ASP B 104 -37.06 52.56 -14.35
C ASP B 104 -36.03 53.53 -13.73
N ILE B 105 -34.77 53.44 -14.15
CA ILE B 105 -33.74 54.33 -13.66
C ILE B 105 -33.30 55.37 -14.66
N THR B 106 -34.13 55.61 -15.69
N THR B 106 -34.14 55.59 -15.69
CA THR B 106 -33.78 56.66 -16.67
CA THR B 106 -33.90 56.66 -16.67
C THR B 106 -33.56 58.03 -16.01
C THR B 106 -33.57 58.00 -16.00
N PRO B 107 -34.28 58.38 -14.89
CA PRO B 107 -33.97 59.64 -14.20
C PRO B 107 -32.56 59.81 -13.71
N LEU B 108 -31.76 58.73 -13.64
CA LEU B 108 -30.36 58.90 -13.25
C LEU B 108 -29.41 59.23 -14.35
N ALA B 109 -29.87 59.26 -15.60
CA ALA B 109 -28.95 59.22 -16.76
C ALA B 109 -27.99 60.38 -16.85
N ASN B 110 -28.37 61.53 -16.33
N ASN B 110 -28.39 61.56 -16.35
CA ASN B 110 -27.50 62.71 -16.41
CA ASN B 110 -27.51 62.75 -16.41
C ASN B 110 -26.99 63.19 -15.04
C ASN B 110 -26.83 63.12 -15.08
N LEU B 111 -26.94 62.27 -14.05
CA LEU B 111 -26.37 62.59 -12.75
C LEU B 111 -24.93 62.17 -12.78
N THR B 112 -24.15 62.87 -13.60
CA THR B 112 -22.82 62.43 -13.94
C THR B 112 -21.80 62.73 -12.89
N ASN B 113 -22.18 63.47 -11.83
CA ASN B 113 -21.31 63.64 -10.68
C ASN B 113 -21.41 62.48 -9.65
N LEU B 114 -22.25 61.48 -9.94
CA LEU B 114 -22.36 60.33 -9.04
C LEU B 114 -21.08 59.57 -8.99
N THR B 115 -20.55 59.36 -7.76
CA THR B 115 -19.46 58.40 -7.51
C THR B 115 -19.91 57.13 -6.78
N GLY B 116 -21.08 57.15 -6.20
CA GLY B 116 -21.59 55.99 -5.48
C GLY B 116 -23.07 55.80 -5.78
N LEU B 117 -23.46 54.60 -6.19
CA LEU B 117 -24.81 54.32 -6.54
C LEU B 117 -25.21 52.90 -6.06
N THR B 118 -26.15 52.85 -5.15
CA THR B 118 -26.58 51.60 -4.55
C THR B 118 -28.08 51.37 -4.88
N LEU B 119 -28.36 50.34 -5.63
CA LEU B 119 -29.68 50.05 -6.16
C LEU B 119 -30.06 48.59 -6.08
N PHE B 120 -29.36 47.86 -5.22
CA PHE B 120 -29.66 46.48 -5.08
C PHE B 120 -31.08 46.26 -4.49
N ASN B 121 -31.64 45.08 -4.68
CA ASN B 121 -33.04 44.78 -4.24
C ASN B 121 -34.04 45.76 -4.79
N ASN B 122 -34.08 45.83 -6.10
CA ASN B 122 -35.07 46.58 -6.80
C ASN B 122 -35.65 45.69 -7.88
N GLN B 123 -36.36 46.26 -8.86
N GLN B 123 -36.32 46.29 -8.88
CA GLN B 123 -36.87 45.48 -9.99
CA GLN B 123 -36.90 45.54 -9.98
C GLN B 123 -36.30 46.00 -11.31
C GLN B 123 -36.30 46.01 -11.31
N ILE B 124 -34.99 46.23 -11.33
CA ILE B 124 -34.32 46.81 -12.47
C ILE B 124 -33.90 45.76 -13.46
N THR B 125 -34.25 45.98 -14.71
CA THR B 125 -33.76 45.16 -15.80
C THR B 125 -32.88 45.96 -16.70
N ASP B 126 -33.33 47.17 -17.06
N ASP B 126 -33.33 47.16 -17.07
CA ASP B 126 -32.63 47.99 -18.01
CA ASP B 126 -32.63 47.96 -18.03
C ASP B 126 -31.66 48.94 -17.31
C ASP B 126 -31.67 48.93 -17.32
N ILE B 127 -30.35 48.69 -17.47
CA ILE B 127 -29.33 49.57 -16.93
C ILE B 127 -28.66 50.49 -17.93
N ASP B 128 -29.23 50.56 -19.12
N ASP B 128 -29.24 50.58 -19.12
CA ASP B 128 -28.74 51.56 -20.11
CA ASP B 128 -28.75 51.51 -20.13
C ASP B 128 -28.57 52.98 -19.52
C ASP B 128 -28.61 52.99 -19.59
N PRO B 129 -29.51 53.46 -18.67
CA PRO B 129 -29.34 54.81 -18.08
C PRO B 129 -28.06 55.06 -17.28
N LEU B 130 -27.30 53.99 -16.94
CA LEU B 130 -26.07 54.15 -16.21
C LEU B 130 -24.89 54.40 -17.04
N LYS B 131 -25.03 54.32 -18.37
CA LYS B 131 -23.84 54.19 -19.22
C LYS B 131 -22.92 55.37 -19.20
N ASN B 132 -23.44 56.59 -18.92
CA ASN B 132 -22.61 57.80 -18.87
C ASN B 132 -22.20 58.25 -17.51
N LEU B 133 -22.39 57.40 -16.50
CA LEU B 133 -22.07 57.77 -15.12
C LEU B 133 -20.67 57.34 -14.84
N THR B 134 -19.74 57.93 -15.57
CA THR B 134 -18.42 57.40 -15.64
C THR B 134 -17.52 57.77 -14.50
N ASN B 135 -18.02 58.59 -13.55
N ASN B 135 -18.01 58.61 -13.57
CA ASN B 135 -17.27 58.87 -12.32
CA ASN B 135 -17.29 58.91 -12.32
C ASN B 135 -17.59 57.86 -11.17
C ASN B 135 -17.60 57.91 -11.18
N LEU B 136 -18.48 56.92 -11.46
CA LEU B 136 -18.85 55.91 -10.43
C LEU B 136 -17.64 55.15 -9.98
N ASN B 137 -17.44 55.06 -8.67
N ASN B 137 -17.46 55.07 -8.67
CA ASN B 137 -16.44 54.16 -8.11
CA ASN B 137 -16.47 54.19 -8.07
C ASN B 137 -17.05 53.00 -7.31
C ASN B 137 -17.14 52.96 -7.44
N ARG B 138 -18.40 53.10 -7.04
CA ARG B 138 -19.16 52.05 -6.35
C ARG B 138 -20.50 51.92 -7.03
N LEU B 139 -20.83 50.72 -7.47
CA LEU B 139 -22.10 50.45 -8.11
C LEU B 139 -22.62 49.11 -7.63
N GLU B 140 -23.77 49.14 -6.98
N GLU B 140 -23.80 49.13 -7.01
N GLU B 140 -23.78 49.13 -6.99
CA GLU B 140 -24.31 47.95 -6.34
CA GLU B 140 -24.34 47.97 -6.34
CA GLU B 140 -24.32 47.96 -6.33
C GLU B 140 -25.68 47.69 -6.95
C GLU B 140 -25.71 47.62 -6.86
C GLU B 140 -25.70 47.64 -6.88
N LEU B 141 -25.79 46.57 -7.68
CA LEU B 141 -27.01 46.22 -8.44
C LEU B 141 -27.51 44.78 -8.22
N SER B 142 -27.02 44.12 -7.18
CA SER B 142 -27.43 42.77 -6.91
C SER B 142 -28.93 42.66 -6.68
N SER B 143 -29.48 41.47 -6.87
CA SER B 143 -30.91 41.20 -6.64
C SER B 143 -31.78 42.19 -7.41
N ASN B 144 -31.46 42.27 -8.69
CA ASN B 144 -32.34 42.91 -9.68
C ASN B 144 -32.59 41.85 -10.74
N THR B 145 -33.12 42.25 -11.91
CA THR B 145 -33.36 41.30 -12.99
C THR B 145 -32.59 41.69 -14.20
N ILE B 146 -31.36 42.05 -13.98
CA ILE B 146 -30.47 42.48 -15.08
C ILE B 146 -29.93 41.27 -15.83
N SER B 147 -30.00 41.29 -17.15
CA SER B 147 -29.42 40.23 -17.98
C SER B 147 -28.28 40.75 -18.88
N ASP B 148 -28.24 42.05 -19.11
N ASP B 148 -28.25 42.09 -19.09
CA ASP B 148 -27.31 42.63 -20.02
CA ASP B 148 -27.39 42.76 -20.05
C ASP B 148 -26.56 43.76 -19.31
C ASP B 148 -26.57 43.82 -19.31
N ILE B 149 -25.25 43.59 -19.17
CA ILE B 149 -24.37 44.60 -18.55
C ILE B 149 -23.54 45.42 -19.50
N SER B 150 -23.97 45.49 -20.74
N SER B 150 -23.98 45.49 -20.76
CA SER B 150 -23.33 46.33 -21.73
CA SER B 150 -23.28 46.30 -21.75
C SER B 150 -23.11 47.73 -21.23
C SER B 150 -23.12 47.75 -21.27
N ALA B 151 -24.11 48.28 -20.51
CA ALA B 151 -24.05 49.69 -20.00
C ALA B 151 -22.93 49.93 -19.06
N LEU B 152 -22.35 48.86 -18.51
CA LEU B 152 -21.22 49.01 -17.59
C LEU B 152 -19.89 49.20 -18.23
N SER B 153 -19.82 49.04 -19.59
N SER B 153 -19.82 49.00 -19.58
CA SER B 153 -18.53 48.91 -20.22
CA SER B 153 -18.53 48.91 -20.28
C SER B 153 -17.64 50.12 -20.13
C SER B 153 -17.64 50.12 -20.11
N GLY B 154 -18.25 51.30 -20.00
CA GLY B 154 -17.52 52.55 -19.88
C GLY B 154 -17.34 53.05 -18.49
N LEU B 155 -17.71 52.25 -17.48
CA LEU B 155 -17.61 52.73 -16.08
C LEU B 155 -16.27 52.37 -15.53
N THR B 156 -15.26 52.96 -16.12
CA THR B 156 -13.90 52.55 -15.92
C THR B 156 -13.25 53.06 -14.69
N SER B 157 -14.00 53.78 -13.84
CA SER B 157 -13.45 54.17 -12.54
C SER B 157 -14.00 53.31 -11.41
N LEU B 158 -14.76 52.31 -11.76
CA LEU B 158 -15.37 51.44 -10.73
C LEU B 158 -14.32 50.69 -9.94
N GLN B 159 -14.36 50.76 -8.59
N GLN B 159 -14.47 50.73 -8.61
N GLN B 159 -14.49 50.75 -8.60
CA GLN B 159 -13.38 49.97 -7.75
CA GLN B 159 -13.63 49.96 -7.72
CA GLN B 159 -13.67 50.02 -7.67
C GLN B 159 -14.12 48.83 -7.13
C GLN B 159 -14.41 48.85 -7.01
C GLN B 159 -14.49 48.88 -7.07
N GLN B 160 -15.74 48.97 -6.92
N GLN B 160 -15.44 49.04 -6.98
CA GLN B 160 -16.57 47.97 -6.33
CA GLN B 160 -16.38 48.02 -6.44
C GLN B 160 -17.79 47.86 -7.14
C GLN B 160 -17.63 47.90 -7.33
N LEU B 161 -18.12 46.64 -7.55
CA LEU B 161 -19.26 46.39 -8.42
C LEU B 161 -19.95 45.11 -8.03
N SER B 162 -21.28 45.13 -8.07
CA SER B 162 -22.09 43.92 -7.98
C SER B 162 -23.34 44.07 -8.84
N PHE B 163 -23.86 42.96 -9.29
CA PHE B 163 -25.06 42.95 -10.09
C PHE B 163 -25.70 41.59 -10.17
N GLY B 164 -26.95 41.58 -10.56
CA GLY B 164 -27.65 40.37 -10.86
C GLY B 164 -29.07 40.60 -11.37
N ASN B 165 -29.83 39.55 -11.66
N ASN B 165 -29.79 39.55 -11.81
CA ASN B 165 -29.57 38.10 -11.28
CA ASN B 165 -29.46 38.13 -11.59
C ASN B 165 -29.60 37.16 -12.45
C ASN B 165 -29.52 37.25 -12.84
N GLN B 166 -29.55 37.84 -14.00
N GLN B 166 -29.74 38.00 -14.03
N GLN B 166 -29.45 37.74 -13.65
CA GLN B 166 -29.77 37.06 -15.17
CA GLN B 166 -29.75 36.94 -15.04
CA GLN B 166 -29.76 37.01 -14.93
C GLN B 166 -28.63 37.20 -16.09
C GLN B 166 -28.66 37.19 -16.05
C GLN B 166 -28.60 37.05 -15.96
N VAL B 167 -27.46 37.58 -15.56
CA VAL B 167 -26.32 37.86 -16.44
C VAL B 167 -25.63 36.53 -16.86
N THR B 168 -25.37 36.38 -18.17
CA THR B 168 -24.53 35.30 -18.70
C THR B 168 -23.21 35.82 -19.27
N ASP B 169 -23.27 36.98 -19.89
CA ASP B 169 -22.12 37.53 -20.62
C ASP B 169 -21.41 38.61 -19.82
N LEU B 170 -20.24 38.26 -19.31
CA LEU B 170 -19.43 39.18 -18.56
C LEU B 170 -18.46 40.05 -19.37
N LYS B 171 -18.43 39.88 -20.67
CA LYS B 171 -17.45 40.61 -21.46
C LYS B 171 -17.46 42.13 -21.34
N PRO B 172 -18.62 42.77 -21.05
CA PRO B 172 -18.60 44.23 -20.78
C PRO B 172 -17.71 44.67 -19.61
N LEU B 173 -17.19 43.73 -18.81
CA LEU B 173 -16.26 44.08 -17.71
C LEU B 173 -14.82 44.28 -18.13
N ALA B 174 -14.50 44.04 -19.40
CA ALA B 174 -13.11 43.90 -19.82
C ALA B 174 -12.23 45.07 -19.48
N ASN B 175 -12.79 46.29 -19.58
CA ASN B 175 -11.98 47.47 -19.37
C ASN B 175 -12.03 48.02 -17.96
N LEU B 176 -12.69 47.30 -17.06
CA LEU B 176 -12.93 47.82 -15.72
C LEU B 176 -11.78 47.37 -14.78
N THR B 177 -10.59 47.73 -15.16
N THR B 177 -10.51 47.70 -15.17
CA THR B 177 -9.42 47.21 -14.54
CA THR B 177 -9.31 47.19 -14.42
C THR B 177 -9.09 47.93 -13.25
C THR B 177 -9.11 47.82 -13.09
N THR B 178 -9.87 48.96 -12.94
N THR B 178 -9.79 48.91 -12.82
CA THR B 178 -9.81 49.59 -11.60
CA THR B 178 -9.70 49.51 -11.51
C THR B 178 -10.47 48.68 -10.50
C THR B 178 -10.58 48.74 -10.46
N LEU B 179 -11.29 47.72 -10.93
CA LEU B 179 -12.06 46.88 -9.99
C LEU B 179 -11.19 46.14 -8.99
N GLU B 180 -11.50 46.35 -7.70
CA GLU B 180 -10.89 45.67 -6.59
C GLU B 180 -11.82 44.62 -5.97
N ARG B 181 -13.14 44.88 -6.02
N ARG B 181 -13.13 44.91 -5.98
CA ARG B 181 -14.14 43.99 -5.41
CA ARG B 181 -14.14 44.03 -5.40
C ARG B 181 -15.30 43.79 -6.33
C ARG B 181 -15.23 43.80 -6.41
N LEU B 182 -15.53 42.54 -6.69
CA LEU B 182 -16.58 42.18 -7.62
C LEU B 182 -17.40 41.11 -7.03
N ASP B 183 -18.73 41.28 -7.09
CA ASP B 183 -19.65 40.28 -6.62
C ASP B 183 -20.67 40.01 -7.74
N ILE B 184 -20.60 38.84 -8.32
CA ILE B 184 -21.50 38.38 -9.39
C ILE B 184 -22.34 37.21 -8.92
N SER B 185 -22.54 37.11 -7.64
CA SER B 185 -23.42 36.07 -7.11
C SER B 185 -24.79 36.04 -7.73
N SER B 186 -25.31 34.83 -7.87
CA SER B 186 -26.70 34.61 -8.31
C SER B 186 -26.91 35.22 -9.67
N ASN B 187 -26.13 34.78 -10.63
CA ASN B 187 -26.34 35.07 -12.04
C ASN B 187 -26.38 33.71 -12.78
N LYS B 188 -26.14 33.73 -14.09
N LYS B 188 -26.26 33.74 -14.11
CA LYS B 188 -26.20 32.52 -14.92
CA LYS B 188 -26.20 32.51 -14.92
C LYS B 188 -24.85 32.32 -15.67
C LYS B 188 -24.91 32.49 -15.72
N VAL B 189 -23.78 32.72 -15.02
CA VAL B 189 -22.49 32.76 -15.65
C VAL B 189 -21.82 31.41 -15.68
N SER B 190 -21.33 31.02 -16.83
CA SER B 190 -20.37 29.96 -16.89
C SER B 190 -18.96 30.47 -17.33
N ASP B 191 -18.91 31.39 -18.25
N ASP B 191 -18.93 31.39 -18.25
CA ASP B 191 -17.67 31.84 -18.83
CA ASP B 191 -17.71 31.88 -18.84
C ASP B 191 -17.12 33.08 -18.11
C ASP B 191 -17.17 33.07 -18.03
N ILE B 192 -16.09 32.85 -17.31
CA ILE B 192 -15.40 33.91 -16.57
C ILE B 192 -14.07 34.29 -17.18
N SER B 193 -13.90 33.97 -18.48
N SER B 193 -13.87 33.98 -18.47
CA SER B 193 -12.67 34.34 -19.20
CA SER B 193 -12.58 34.32 -19.10
C SER B 193 -12.26 35.80 -19.02
C SER B 193 -12.23 35.81 -19.00
N VAL B 194 -13.21 36.71 -19.08
CA VAL B 194 -12.94 38.18 -18.97
C VAL B 194 -12.27 38.53 -17.64
N LEU B 195 -12.53 37.76 -16.56
CA LEU B 195 -12.00 38.11 -15.29
C LEU B 195 -10.50 38.11 -15.27
N ALA B 196 -9.86 37.35 -16.16
CA ALA B 196 -8.38 37.37 -16.26
C ALA B 196 -7.81 38.78 -16.52
N LYS B 197 -8.63 39.66 -17.07
CA LYS B 197 -8.22 41.07 -17.36
C LYS B 197 -8.25 41.95 -16.14
N LEU B 198 -8.95 41.52 -15.09
CA LEU B 198 -9.21 42.33 -13.92
C LEU B 198 -8.16 42.10 -12.87
N THR B 199 -6.94 42.46 -13.22
CA THR B 199 -5.79 42.00 -12.46
C THR B 199 -5.61 42.73 -11.08
N ASN B 200 -6.40 43.81 -10.83
N ASN B 200 -6.40 43.80 -10.83
CA ASN B 200 -6.43 44.47 -9.53
CA ASN B 200 -6.40 44.45 -9.53
C ASN B 200 -7.49 43.93 -8.56
C ASN B 200 -7.43 43.87 -8.53
N LEU B 201 -8.18 42.85 -8.95
CA LEU B 201 -9.13 42.23 -8.06
C LEU B 201 -8.48 41.68 -6.81
N GLU B 202 -9.07 42.06 -5.69
CA GLU B 202 -8.68 41.60 -4.36
C GLU B 202 -9.73 40.66 -3.78
N SER B 203 -10.97 40.88 -4.16
N SER B 203 -10.98 40.85 -4.13
CA SER B 203 -12.09 40.06 -3.72
CA SER B 203 -12.00 39.91 -3.72
C SER B 203 -12.95 39.70 -4.91
C SER B 203 -12.99 39.69 -4.83
N LEU B 204 -13.21 38.40 -5.11
CA LEU B 204 -14.12 37.95 -6.13
C LEU B 204 -15.10 37.03 -5.47
N ILE B 205 -16.37 37.41 -5.52
N ILE B 205 -16.38 37.39 -5.53
CA ILE B 205 -17.47 36.58 -5.00
CA ILE B 205 -17.45 36.58 -4.94
C ILE B 205 -18.31 36.22 -6.21
C ILE B 205 -18.43 36.25 -6.08
N ALA B 206 -18.41 34.97 -6.50
CA ALA B 206 -19.06 34.52 -7.74
C ALA B 206 -19.89 33.28 -7.39
N THR B 207 -20.63 33.37 -6.32
CA THR B 207 -21.41 32.21 -5.87
C THR B 207 -22.64 31.99 -6.73
N ASN B 208 -23.15 30.78 -6.69
CA ASN B 208 -24.46 30.49 -7.30
C ASN B 208 -24.53 30.90 -8.77
N ASN B 209 -23.56 30.38 -9.53
CA ASN B 209 -23.50 30.51 -10.97
C ASN B 209 -23.36 29.12 -11.58
N GLN B 210 -22.85 29.04 -12.80
CA GLN B 210 -22.69 27.79 -13.53
C GLN B 210 -21.23 27.59 -13.96
N ILE B 211 -20.32 27.94 -13.06
CA ILE B 211 -18.90 27.97 -13.40
C ILE B 211 -18.28 26.58 -13.23
N SER B 212 -17.61 26.09 -14.21
CA SER B 212 -16.79 24.88 -14.12
C SER B 212 -15.34 25.09 -14.41
N ASP B 213 -15.01 26.14 -15.15
CA ASP B 213 -13.64 26.43 -15.60
C ASP B 213 -13.15 27.68 -14.91
N ILE B 214 -12.19 27.50 -14.01
CA ILE B 214 -11.62 28.64 -13.31
C ILE B 214 -10.23 29.00 -13.74
N THR B 215 -9.79 28.46 -14.86
CA THR B 215 -8.48 28.81 -15.36
C THR B 215 -8.29 30.35 -15.60
N PRO B 216 -9.34 31.13 -15.91
CA PRO B 216 -9.14 32.60 -16.03
C PRO B 216 -8.60 33.27 -14.78
N LEU B 217 -8.78 32.65 -13.63
CA LEU B 217 -8.32 33.26 -12.36
C LEU B 217 -6.81 33.19 -12.17
N GLY B 218 -6.09 32.43 -13.01
CA GLY B 218 -4.69 32.10 -12.75
C GLY B 218 -3.80 33.23 -12.50
N ILE B 219 -3.97 34.29 -13.25
CA ILE B 219 -3.12 35.47 -13.08
C ILE B 219 -3.61 36.49 -12.13
N LEU B 220 -4.72 36.23 -11.44
CA LEU B 220 -5.32 37.19 -10.48
C LEU B 220 -4.71 37.04 -9.13
N THR B 221 -3.42 37.23 -9.08
CA THR B 221 -2.64 36.90 -7.91
C THR B 221 -2.81 37.91 -6.76
N ASN B 222 -3.43 39.07 -7.01
CA ASN B 222 -3.81 39.99 -5.91
C ASN B 222 -5.07 39.54 -5.12
N LEU B 223 -5.71 38.44 -5.55
CA LEU B 223 -6.88 37.98 -4.82
C LEU B 223 -6.52 37.51 -3.44
N ASP B 224 -7.20 38.05 -2.46
N ASP B 224 -7.18 38.10 -2.46
CA ASP B 224 -7.08 37.55 -1.09
CA ASP B 224 -7.03 37.70 -1.07
C ASP B 224 -8.35 36.85 -0.63
C ASP B 224 -8.29 37.01 -0.58
N GLU B 225 -9.50 37.23 -1.20
N GLU B 225 -9.35 37.07 -1.36
CA GLU B 225 -10.76 36.57 -0.88
CA GLU B 225 -10.63 36.53 -0.95
C GLU B 225 -11.38 36.05 -2.17
C GLU B 225 -11.37 36.05 -2.19
N LEU B 226 -11.81 34.81 -2.16
CA LEU B 226 -12.46 34.20 -3.30
C LEU B 226 -13.56 33.30 -2.85
N SER B 227 -14.71 33.46 -3.45
N SER B 227 -14.76 33.50 -3.44
CA SER B 227 -15.80 32.52 -3.25
CA SER B 227 -15.94 32.64 -3.22
C SER B 227 -16.46 32.09 -4.54
C SER B 227 -16.44 32.09 -4.57
N LEU B 228 -16.53 30.78 -4.68
CA LEU B 228 -17.12 30.09 -5.82
C LEU B 228 -18.16 29.08 -5.31
N ASN B 229 -18.67 29.35 -4.11
CA ASN B 229 -19.76 28.54 -3.52
C ASN B 229 -20.86 28.36 -4.49
N GLY B 230 -21.25 27.14 -4.79
CA GLY B 230 -22.44 26.90 -5.59
C GLY B 230 -22.22 27.02 -7.06
N ASN B 231 -21.30 26.23 -7.58
CA ASN B 231 -20.99 26.22 -9.00
C ASN B 231 -20.88 24.75 -9.44
N GLN B 232 -20.02 24.49 -10.43
N GLN B 232 -20.11 24.45 -10.48
N GLN B 232 -20.10 24.48 -10.48
CA GLN B 232 -19.84 23.18 -11.02
CA GLN B 232 -19.85 23.06 -10.85
CA GLN B 232 -19.88 23.12 -10.96
C GLN B 232 -18.33 22.83 -11.07
C GLN B 232 -18.36 22.86 -11.05
C GLN B 232 -18.35 22.87 -11.08
N LEU B 233 -17.60 23.24 -10.04
CA LEU B 233 -16.15 23.08 -10.06
C LEU B 233 -15.73 21.69 -9.75
N LYS B 234 -14.67 21.25 -10.39
CA LYS B 234 -13.99 20.04 -9.99
C LYS B 234 -12.51 20.23 -10.01
N ASP B 235 -11.96 20.65 -11.16
CA ASP B 235 -10.55 20.92 -11.27
C ASP B 235 -10.24 22.27 -10.75
N ILE B 236 -9.52 22.32 -9.63
CA ILE B 236 -9.15 23.59 -9.00
C ILE B 236 -7.66 23.83 -9.05
N GLY B 237 -6.96 23.18 -10.00
CA GLY B 237 -5.54 23.36 -10.14
C GLY B 237 -5.09 24.79 -10.25
N THR B 238 -5.86 25.63 -10.89
CA THR B 238 -5.55 27.03 -11.03
C THR B 238 -5.31 27.74 -9.72
N LEU B 239 -5.96 27.29 -8.66
CA LEU B 239 -5.86 28.00 -7.39
C LEU B 239 -4.48 27.98 -6.79
N ALA B 240 -3.62 27.04 -7.23
CA ALA B 240 -2.24 27.00 -6.73
C ALA B 240 -1.49 28.30 -6.98
N SER B 241 -1.90 29.06 -7.99
N SER B 241 -1.86 29.07 -7.99
CA SER B 241 -1.32 30.34 -8.34
CA SER B 241 -1.19 30.37 -8.24
C SER B 241 -1.72 31.51 -7.41
C SER B 241 -1.63 31.48 -7.29
N LEU B 242 -2.77 31.31 -6.62
CA LEU B 242 -3.37 32.40 -5.84
C LEU B 242 -2.87 32.40 -4.43
N THR B 243 -1.59 32.66 -4.28
CA THR B 243 -0.91 32.44 -2.97
C THR B 243 -1.19 33.50 -1.96
N ASN B 244 -1.88 34.58 -2.36
CA ASN B 244 -2.31 35.60 -1.39
C ASN B 244 -3.69 35.34 -0.79
N LEU B 245 -4.30 34.26 -1.19
CA LEU B 245 -5.66 33.94 -0.62
C LEU B 245 -5.60 33.70 0.88
N THR B 246 -6.47 34.38 1.60
CA THR B 246 -6.67 34.11 3.04
C THR B 246 -8.04 33.56 3.35
N ASP B 247 -9.02 33.70 2.46
CA ASP B 247 -10.37 33.28 2.72
C ASP B 247 -10.95 32.70 1.43
N LEU B 248 -11.23 31.42 1.45
CA LEU B 248 -11.62 30.66 0.28
C LEU B 248 -12.84 29.85 0.52
N ASP B 249 -13.85 30.05 -0.29
CA ASP B 249 -15.07 29.29 -0.20
C ASP B 249 -15.35 28.56 -1.51
N LEU B 250 -15.29 27.26 -1.50
CA LEU B 250 -15.53 26.38 -2.66
C LEU B 250 -16.65 25.39 -2.40
N ALA B 251 -17.53 25.73 -1.44
CA ALA B 251 -18.59 24.83 -1.07
C ALA B 251 -19.55 24.60 -2.21
N ASN B 252 -20.26 23.49 -2.16
CA ASN B 252 -21.36 23.18 -3.12
C ASN B 252 -20.79 23.12 -4.54
N ASN B 253 -19.80 22.25 -4.71
CA ASN B 253 -19.16 21.96 -6.02
C ASN B 253 -18.94 20.43 -6.11
N GLN B 254 -18.01 19.99 -6.97
CA GLN B 254 -17.75 18.58 -7.22
C GLN B 254 -16.27 18.29 -7.05
N ILE B 255 -15.62 18.98 -6.14
CA ILE B 255 -14.16 18.90 -6.02
C ILE B 255 -13.74 17.66 -5.25
N SER B 256 -12.72 16.96 -5.74
CA SER B 256 -12.09 15.89 -4.97
C SER B 256 -10.60 16.10 -4.71
N ASN B 257 -9.90 16.73 -5.62
CA ASN B 257 -8.42 16.84 -5.53
C ASN B 257 -8.02 18.20 -4.95
N LEU B 258 -7.57 18.18 -3.70
CA LEU B 258 -7.23 19.32 -2.97
C LEU B 258 -5.77 19.67 -3.02
N ALA B 259 -4.95 18.90 -3.77
CA ALA B 259 -3.54 19.24 -3.86
C ALA B 259 -3.27 20.67 -4.27
N PRO B 260 -4.07 21.28 -5.17
CA PRO B 260 -3.82 22.69 -5.54
C PRO B 260 -3.90 23.71 -4.40
N LEU B 261 -4.49 23.32 -3.27
CA LEU B 261 -4.59 24.18 -2.12
C LEU B 261 -3.44 24.06 -1.17
N SER B 262 -2.58 23.07 -1.36
CA SER B 262 -1.57 22.72 -0.32
C SER B 262 -0.58 23.78 -0.01
N GLY B 263 -0.26 24.65 -0.98
CA GLY B 263 0.64 25.77 -0.71
C GLY B 263 0.04 27.08 -0.36
N LEU B 264 -1.30 27.12 -0.15
CA LEU B 264 -1.98 28.37 0.14
C LEU B 264 -1.98 28.60 1.62
N THR B 265 -0.81 28.82 2.14
CA THR B 265 -0.60 28.78 3.58
C THR B 265 -1.02 30.05 4.30
N LYS B 266 -1.41 31.11 3.57
N LYS B 266 -1.44 31.07 3.58
CA LYS B 266 -2.07 32.28 4.20
CA LYS B 266 -2.05 32.25 4.21
C LYS B 266 -3.55 32.00 4.55
C LYS B 266 -3.56 32.06 4.44
N LEU B 267 -4.11 30.90 4.07
CA LEU B 267 -5.56 30.62 4.33
C LEU B 267 -5.84 30.57 5.81
N THR B 268 -6.79 31.37 6.22
CA THR B 268 -7.34 31.27 7.60
C THR B 268 -8.73 30.74 7.63
N GLU B 269 -9.47 30.82 6.54
CA GLU B 269 -10.81 30.27 6.43
C GLU B 269 -10.95 29.53 5.13
N LEU B 270 -11.35 28.28 5.21
CA LEU B 270 -11.49 27.42 4.10
C LEU B 270 -12.77 26.66 4.17
N LYS B 271 -13.63 26.85 3.23
N LYS B 271 -13.71 26.96 3.27
CA LYS B 271 -14.95 26.30 3.23
CA LYS B 271 -15.01 26.29 3.20
C LYS B 271 -15.10 25.36 2.02
C LYS B 271 -14.96 25.31 2.03
N LEU B 272 -15.21 24.05 2.31
CA LEU B 272 -15.20 23.00 1.30
C LEU B 272 -16.40 22.05 1.44
N GLY B 273 -17.42 22.50 2.15
CA GLY B 273 -18.62 21.69 2.33
C GLY B 273 -19.24 21.30 0.99
N ALA B 274 -19.83 20.12 0.93
CA ALA B 274 -20.59 19.66 -0.21
C ALA B 274 -19.70 19.61 -1.46
N ASN B 275 -18.74 18.73 -1.41
CA ASN B 275 -17.86 18.40 -2.51
C ASN B 275 -17.73 16.87 -2.61
N GLN B 276 -16.64 16.38 -3.19
CA GLN B 276 -16.40 14.95 -3.35
C GLN B 276 -15.07 14.55 -2.71
N ILE B 277 -14.81 15.09 -1.53
CA ILE B 277 -13.48 14.95 -0.92
C ILE B 277 -13.41 13.71 -0.08
N SER B 278 -12.40 12.89 -0.30
CA SER B 278 -12.11 11.78 0.57
C SER B 278 -10.74 11.85 1.17
N ASN B 279 -9.88 12.77 0.69
CA ASN B 279 -8.49 12.85 1.13
C ASN B 279 -8.15 14.31 1.43
N ILE B 280 -7.92 14.58 2.71
CA ILE B 280 -7.57 15.93 3.17
C ILE B 280 -6.14 16.08 3.56
N SER B 281 -5.30 15.10 3.17
N SER B 281 -5.29 15.11 3.18
CA SER B 281 -3.86 15.21 3.40
CA SER B 281 -3.85 15.23 3.43
C SER B 281 -3.28 16.51 2.84
C SER B 281 -3.24 16.51 2.82
N PRO B 282 -3.73 17.00 1.67
CA PRO B 282 -3.21 18.27 1.14
C PRO B 282 -3.47 19.49 2.03
N LEU B 283 -4.36 19.36 3.02
CA LEU B 283 -4.66 20.47 3.91
C LEU B 283 -3.77 20.56 5.13
N ALA B 284 -2.95 19.54 5.34
CA ALA B 284 -2.21 19.40 6.62
C ALA B 284 -1.25 20.54 6.90
N GLY B 285 -0.76 21.21 5.86
CA GLY B 285 0.12 22.32 6.02
C GLY B 285 -0.50 23.70 6.18
N LEU B 286 -1.85 23.77 6.18
CA LEU B 286 -2.56 25.02 6.24
C LEU B 286 -2.81 25.42 7.66
N THR B 287 -1.70 25.66 8.36
CA THR B 287 -1.77 25.72 9.83
C THR B 287 -2.30 27.04 10.36
N ALA B 288 -2.52 28.04 9.50
CA ALA B 288 -3.20 29.27 9.92
C ALA B 288 -4.72 29.14 9.94
N LEU B 289 -5.27 27.97 9.53
CA LEU B 289 -6.71 27.86 9.47
C LEU B 289 -7.33 28.00 10.82
N THR B 290 -8.35 28.83 10.90
CA THR B 290 -9.19 28.93 12.11
C THR B 290 -10.61 28.40 11.86
N ASN B 291 -11.03 28.30 10.61
CA ASN B 291 -12.39 27.87 10.24
C ASN B 291 -12.26 26.97 9.06
N LEU B 292 -12.64 25.73 9.21
CA LEU B 292 -12.58 24.75 8.17
C LEU B 292 -13.90 24.03 8.06
N GLU B 293 -14.46 24.00 6.87
N GLU B 293 -14.45 23.99 6.86
CA GLU B 293 -15.73 23.31 6.63
CA GLU B 293 -15.71 23.29 6.63
C GLU B 293 -15.54 22.19 5.64
C GLU B 293 -15.53 22.18 5.64
N LEU B 294 -15.85 20.98 6.08
CA LEU B 294 -15.67 19.77 5.26
C LEU B 294 -16.92 18.87 5.31
N ASN B 295 -18.02 19.45 5.70
CA ASN B 295 -19.30 18.74 5.68
C ASN B 295 -19.66 18.24 4.28
N GLU B 296 -20.47 17.20 4.23
N GLU B 296 -20.51 17.23 4.22
CA GLU B 296 -21.09 16.72 2.99
CA GLU B 296 -21.08 16.75 2.97
C GLU B 296 -20.04 16.31 1.97
C GLU B 296 -19.98 16.37 1.99
N ASN B 297 -19.10 15.49 2.43
CA ASN B 297 -18.06 14.95 1.63
C ASN B 297 -18.00 13.42 1.80
N GLN B 298 -16.86 12.81 1.45
CA GLN B 298 -16.67 11.38 1.49
C GLN B 298 -15.57 11.03 2.48
N LEU B 299 -15.51 11.75 3.59
CA LEU B 299 -14.44 11.56 4.52
C LEU B 299 -14.62 10.37 5.43
N GLU B 300 -13.51 9.70 5.67
N GLU B 300 -13.53 9.63 5.61
CA GLU B 300 -13.41 8.67 6.69
CA GLU B 300 -13.42 8.60 6.65
C GLU B 300 -12.22 9.04 7.56
C GLU B 300 -12.22 8.97 7.55
N ASP B 301 -11.06 9.18 6.94
CA ASP B 301 -9.83 9.50 7.67
C ASP B 301 -9.66 11.00 7.77
N ILE B 302 -9.88 11.55 8.95
CA ILE B 302 -9.68 12.97 9.20
C ILE B 302 -8.40 13.28 9.99
N SER B 303 -7.47 12.33 10.03
N SER B 303 -7.48 12.31 10.04
CA SER B 303 -6.22 12.56 10.76
CA SER B 303 -6.19 12.48 10.69
C SER B 303 -5.44 13.81 10.36
C SER B 303 -5.46 13.79 10.36
N PRO B 304 -5.48 14.26 9.08
CA PRO B 304 -4.76 15.55 8.77
C PRO B 304 -5.22 16.77 9.54
N ILE B 305 -6.44 16.73 10.08
N ILE B 305 -6.41 16.75 10.09
CA ILE B 305 -6.94 17.86 10.87
CA ILE B 305 -6.84 17.95 10.86
C ILE B 305 -6.12 18.06 12.15
C ILE B 305 -6.01 18.14 12.13
N SER B 306 -5.47 17.04 12.63
N SER B 306 -5.38 17.09 12.62
CA SER B 306 -4.73 17.18 13.91
CA SER B 306 -4.61 17.23 13.91
C SER B 306 -3.68 18.30 13.87
C SER B 306 -3.48 18.22 13.77
N ASN B 307 -3.07 18.58 12.71
N ASN B 307 -3.13 18.52 12.53
CA ASN B 307 -2.03 19.62 12.64
CA ASN B 307 -2.08 19.46 12.27
C ASN B 307 -2.58 21.04 12.57
C ASN B 307 -2.56 20.96 12.40
N LEU B 308 -3.90 21.15 12.38
CA LEU B 308 -4.53 22.47 12.21
C LEU B 308 -4.89 22.99 13.56
N LYS B 309 -3.87 23.34 14.31
N LYS B 309 -3.81 23.31 14.31
N LYS B 309 -3.86 23.22 14.35
CA LYS B 309 -4.06 23.53 15.76
CA LYS B 309 -3.89 23.64 15.77
CA LYS B 309 -4.03 23.40 15.78
C LYS B 309 -4.63 24.93 16.13
C LYS B 309 -4.77 24.79 16.10
C LYS B 309 -4.69 24.75 16.14
N ASN B 310 -4.84 25.64 15.14
N ASN B 310 -4.85 25.76 15.11
CA ASN B 310 -5.50 26.92 15.36
CA ASN B 310 -5.53 27.01 15.32
C ASN B 310 -7.04 26.91 15.09
C ASN B 310 -7.05 26.94 15.08
N LEU B 311 -7.59 25.76 14.76
CA LEU B 311 -9.00 25.68 14.43
C LEU B 311 -9.89 26.03 15.59
N THR B 312 -10.81 26.95 15.37
N THR B 312 -10.84 26.87 15.30
CA THR B 312 -11.91 27.18 16.32
CA THR B 312 -11.83 27.34 16.23
C THR B 312 -13.24 26.64 15.85
C THR B 312 -13.25 26.81 15.83
N TYR B 313 -13.50 26.68 14.53
CA TYR B 313 -14.75 26.16 13.98
C TYR B 313 -14.43 25.04 13.02
N LEU B 314 -15.15 23.94 13.10
CA LEU B 314 -14.92 22.78 12.26
C LEU B 314 -16.23 22.10 11.95
N THR B 315 -16.56 21.92 10.69
CA THR B 315 -17.69 21.11 10.29
C THR B 315 -17.30 19.88 9.53
N LEU B 316 -17.98 18.80 9.86
CA LEU B 316 -17.70 17.45 9.32
C LEU B 316 -18.99 16.68 9.14
N TYR B 317 -20.12 17.32 9.31
CA TYR B 317 -21.40 16.64 9.20
C TYR B 317 -21.58 16.04 7.81
N PHE B 318 -22.29 14.92 7.75
N PHE B 318 -22.29 14.93 7.73
CA PHE B 318 -22.58 14.22 6.55
CA PHE B 318 -22.50 14.17 6.50
C PHE B 318 -21.26 13.72 5.84
C PHE B 318 -21.19 13.73 5.85
N ASN B 319 -20.48 12.88 6.56
CA ASN B 319 -19.38 12.17 6.01
C ASN B 319 -19.53 10.70 6.41
N ASN B 320 -18.48 9.94 6.37
N ASN B 320 -18.42 9.95 6.31
CA ASN B 320 -18.52 8.57 6.85
CA ASN B 320 -18.35 8.53 6.68
C ASN B 320 -17.35 8.33 7.80
C ASN B 320 -17.35 8.28 7.84
N ILE B 321 -17.29 9.22 8.78
CA ILE B 321 -16.29 9.21 9.80
C ILE B 321 -16.71 8.30 10.97
N SER B 322 -15.86 7.37 11.33
N SER B 322 -15.84 7.36 11.30
CA SER B 322 -16.10 6.62 12.56
CA SER B 322 -15.99 6.56 12.49
C SER B 322 -15.10 6.95 13.67
C SER B 322 -15.15 7.12 13.64
N ASP B 323 -13.93 7.51 13.33
CA ASP B 323 -12.91 7.94 14.29
C ASP B 323 -12.87 9.51 14.30
N ILE B 324 -13.52 10.10 15.27
CA ILE B 324 -13.52 11.54 15.44
C ILE B 324 -12.32 12.04 16.16
N SER B 325 -11.50 11.13 16.72
CA SER B 325 -10.44 11.58 17.67
C SER B 325 -9.42 12.58 17.21
N PRO B 326 -9.10 12.71 15.89
CA PRO B 326 -8.22 13.78 15.49
C PRO B 326 -8.66 15.18 15.96
N VAL B 327 -9.94 15.39 16.20
CA VAL B 327 -10.39 16.71 16.69
C VAL B 327 -9.86 17.03 18.11
N SER B 328 -9.44 16.00 18.87
CA SER B 328 -8.92 16.23 20.22
C SER B 328 -7.61 17.01 20.23
N SER B 329 -7.00 17.19 19.05
CA SER B 329 -5.82 18.05 18.88
C SER B 329 -6.10 19.54 18.88
N LEU B 330 -7.40 19.89 18.91
CA LEU B 330 -7.86 21.26 18.62
C LEU B 330 -8.31 21.96 19.92
N THR B 331 -7.35 22.46 20.72
CA THR B 331 -7.74 23.00 22.04
C THR B 331 -8.64 24.17 21.96
N LYS B 332 -8.50 24.96 20.87
CA LYS B 332 -9.25 26.19 20.70
C LYS B 332 -10.66 25.95 20.18
N LEU B 333 -11.00 24.71 19.90
CA LEU B 333 -12.24 24.41 19.22
C LEU B 333 -13.44 24.92 20.01
N GLN B 334 -14.28 25.69 19.35
CA GLN B 334 -15.51 26.24 19.91
C GLN B 334 -16.74 25.65 19.32
N ARG B 335 -16.67 25.27 18.05
CA ARG B 335 -17.81 24.76 17.36
C ARG B 335 -17.43 23.56 16.58
N LEU B 336 -18.13 22.45 16.82
CA LEU B 336 -17.83 21.19 16.21
C LEU B 336 -19.13 20.53 15.79
N PHE B 337 -19.32 20.36 14.48
N PHE B 337 -19.30 20.38 14.50
CA PHE B 337 -20.51 19.73 13.92
CA PHE B 337 -20.43 19.69 13.96
C PHE B 337 -20.10 18.47 13.18
C PHE B 337 -19.93 18.43 13.31
N PHE B 338 -20.59 17.32 13.61
CA PHE B 338 -20.30 16.07 12.93
C PHE B 338 -21.51 15.16 12.92
N TYR B 339 -22.70 15.75 12.88
CA TYR B 339 -23.88 14.95 12.67
C TYR B 339 -23.84 14.19 11.37
N ASN B 340 -24.48 13.04 11.33
CA ASN B 340 -24.54 12.17 10.15
C ASN B 340 -23.15 11.62 9.82
N ASN B 341 -22.64 10.84 10.76
CA ASN B 341 -21.44 10.08 10.61
C ASN B 341 -21.61 8.75 11.30
N LYS B 342 -20.52 8.08 11.60
N LYS B 342 -20.51 8.07 11.60
CA LYS B 342 -20.59 6.73 12.20
CA LYS B 342 -20.58 6.73 12.21
C LYS B 342 -19.79 6.71 13.48
C LYS B 342 -19.82 6.70 13.52
N VAL B 343 -19.84 7.82 14.24
CA VAL B 343 -19.04 7.96 15.43
C VAL B 343 -19.80 7.25 16.59
N SER B 344 -19.09 6.33 17.29
CA SER B 344 -19.69 5.58 18.42
C SER B 344 -19.06 5.87 19.71
N ASP B 345 -18.02 6.66 19.71
CA ASP B 345 -17.22 6.92 20.89
C ASP B 345 -16.80 8.38 20.88
N VAL B 346 -17.23 9.10 21.88
CA VAL B 346 -16.87 10.55 22.02
C VAL B 346 -15.91 10.83 23.15
N SER B 347 -15.22 9.77 23.63
N SER B 347 -15.22 9.79 23.63
CA SER B 347 -14.22 9.91 24.69
CA SER B 347 -14.28 9.96 24.73
C SER B 347 -13.24 11.02 24.38
C SER B 347 -13.19 10.99 24.40
N SER B 348 -12.83 11.10 23.12
CA SER B 348 -11.79 12.04 22.71
C SER B 348 -12.20 13.50 22.77
N LEU B 349 -13.49 13.75 23.02
CA LEU B 349 -13.97 15.12 23.11
C LEU B 349 -13.90 15.73 24.51
N ALA B 350 -13.55 14.90 25.50
CA ALA B 350 -13.79 15.25 26.89
C ALA B 350 -13.07 16.47 27.40
N ASN B 351 -11.95 16.78 26.78
N ASN B 351 -11.91 16.81 26.87
CA ASN B 351 -11.06 17.87 27.18
CA ASN B 351 -11.20 18.03 27.37
C ASN B 351 -11.12 19.10 26.28
C ASN B 351 -11.25 19.21 26.41
N LEU B 352 -12.13 19.14 25.40
CA LEU B 352 -12.31 20.29 24.47
C LEU B 352 -13.20 21.31 25.22
N THR B 353 -12.58 21.92 26.22
N THR B 353 -12.67 21.82 26.31
N THR B 353 -12.65 21.87 26.26
CA THR B 353 -13.23 22.72 27.21
CA THR B 353 -13.47 22.58 27.23
CA THR B 353 -13.43 22.60 27.21
C THR B 353 -13.82 23.99 26.68
C THR B 353 -13.84 24.02 26.72
C THR B 353 -13.86 24.00 26.68
N ASN B 354 -13.31 24.43 25.53
CA ASN B 354 -13.78 25.69 24.88
C ASN B 354 -14.97 25.45 23.98
N ILE B 355 -15.46 24.21 23.91
CA ILE B 355 -16.58 23.97 22.99
C ILE B 355 -17.85 24.67 23.51
N ASN B 356 -18.43 25.48 22.63
CA ASN B 356 -19.72 26.12 22.82
C ASN B 356 -20.87 25.45 22.03
N TRP B 357 -20.55 24.86 20.93
CA TRP B 357 -21.56 24.26 20.03
C TRP B 357 -21.09 22.92 19.62
N LEU B 358 -21.87 21.90 20.02
CA LEU B 358 -21.57 20.52 19.69
C LEU B 358 -22.77 19.89 19.08
N SER B 359 -22.68 19.50 17.81
CA SER B 359 -23.83 18.93 17.10
C SER B 359 -23.41 17.62 16.52
N ALA B 360 -24.04 16.56 17.00
CA ALA B 360 -23.59 15.18 16.76
C ALA B 360 -24.76 14.17 16.67
N GLY B 361 -25.92 14.65 16.25
CA GLY B 361 -27.02 13.75 15.96
C GLY B 361 -26.67 12.78 14.87
N HIS B 362 -27.48 11.74 14.73
N HIS B 362 -27.44 11.71 14.74
CA HIS B 362 -27.35 10.81 13.62
CA HIS B 362 -27.24 10.73 13.62
C HIS B 362 -25.89 10.23 13.54
C HIS B 362 -25.84 10.20 13.57
N ASN B 363 -25.35 9.80 14.71
CA ASN B 363 -24.13 9.03 14.81
C ASN B 363 -24.51 7.68 15.48
N GLN B 364 -23.60 7.08 16.19
CA GLN B 364 -23.84 5.79 16.85
C GLN B 364 -23.47 5.96 18.30
N ILE B 365 -23.80 7.13 18.87
CA ILE B 365 -23.35 7.48 20.19
C ILE B 365 -24.28 6.88 21.23
N SER B 366 -23.70 6.16 22.19
CA SER B 366 -24.47 5.51 23.24
C SER B 366 -24.18 6.01 24.62
N ASP B 367 -23.12 6.80 24.82
CA ASP B 367 -22.62 7.12 26.16
C ASP B 367 -22.17 8.59 26.16
N LEU B 368 -22.91 9.41 26.85
CA LEU B 368 -22.60 10.85 26.92
C LEU B 368 -21.65 11.24 28.02
N THR B 369 -21.25 10.29 28.88
CA THR B 369 -20.41 10.64 29.99
C THR B 369 -19.14 11.46 29.66
N PRO B 370 -18.46 11.22 28.53
CA PRO B 370 -17.29 12.04 28.22
C PRO B 370 -17.59 13.51 27.98
N LEU B 371 -18.85 13.86 27.81
CA LEU B 371 -19.27 15.25 27.52
C LEU B 371 -19.56 16.05 28.80
N ALA B 372 -19.45 15.41 29.97
CA ALA B 372 -19.99 15.99 31.19
C ALA B 372 -19.34 17.28 31.64
N ASN B 373 -18.07 17.47 31.32
CA ASN B 373 -17.37 18.67 31.75
C ASN B 373 -17.35 19.75 30.67
N LEU B 374 -18.11 19.57 29.62
CA LEU B 374 -18.16 20.57 28.51
C LEU B 374 -19.20 21.66 28.87
N THR B 375 -18.98 22.30 30.02
CA THR B 375 -19.98 23.18 30.59
C THR B 375 -20.05 24.55 29.97
N ARG B 376 -19.17 24.85 29.00
N ARG B 376 -19.18 24.84 29.00
N ARG B 376 -19.19 24.83 28.98
CA ARG B 376 -19.32 26.09 28.18
CA ARG B 376 -19.33 26.07 28.19
CA ARG B 376 -19.29 26.06 28.18
C ARG B 376 -20.24 25.89 26.97
C ARG B 376 -20.24 25.88 26.96
C ARG B 376 -20.24 25.89 26.98
N ILE B 377 -20.77 24.69 26.79
CA ILE B 377 -21.72 24.46 25.75
C ILE B 377 -22.93 25.36 25.92
N THR B 378 -23.36 25.95 24.81
CA THR B 378 -24.63 26.72 24.76
C THR B 378 -25.60 26.19 23.70
N GLN B 379 -25.09 25.38 22.76
CA GLN B 379 -25.94 24.74 21.72
C GLN B 379 -25.46 23.30 21.61
N LEU B 380 -26.41 22.38 21.56
CA LEU B 380 -26.14 20.97 21.61
C LEU B 380 -27.10 20.21 20.72
N GLY B 381 -26.60 19.19 20.04
CA GLY B 381 -27.45 18.32 19.22
C GLY B 381 -27.02 16.90 19.34
N LEU B 382 -27.94 16.02 19.81
CA LEU B 382 -27.64 14.59 19.99
C LEU B 382 -28.76 13.65 19.51
N ASN B 383 -29.68 14.21 18.67
N ASN B 383 -29.64 14.14 18.71
CA ASN B 383 -30.82 13.48 18.11
CA ASN B 383 -30.82 13.35 18.33
C ASN B 383 -30.42 12.24 17.30
C ASN B 383 -30.52 12.32 17.28
N ASP B 384 -31.26 11.20 17.39
CA ASP B 384 -31.39 10.20 16.32
C ASP B 384 -30.12 9.41 16.00
N GLN B 385 -29.42 8.98 17.04
CA GLN B 385 -28.39 8.00 16.92
C GLN B 385 -29.05 6.67 16.39
N ALA B 386 -28.15 5.75 15.96
N ALA B 386 -28.37 5.94 15.58
CA ALA B 386 -28.49 4.33 15.68
CA ALA B 386 -28.90 4.65 15.07
C ALA B 386 -27.22 3.45 15.69
C ALA B 386 -27.80 3.71 14.90
N TRP B 387 -27.31 2.25 16.26
N TRP B 387 -27.98 2.48 15.40
CA TRP B 387 -26.25 1.26 16.06
CA TRP B 387 -27.04 1.46 15.14
C TRP B 387 -26.82 -0.11 16.07
C TRP B 387 -27.67 0.11 15.18
N THR B 388 -26.35 -0.91 15.12
N THR B 388 -27.07 -0.79 14.43
CA THR B 388 -26.81 -2.27 15.00
CA THR B 388 -27.56 -2.16 14.33
C THR B 388 -25.88 -3.11 15.75
C THR B 388 -26.63 -2.99 15.08
N ASN B 389 -26.43 -4.00 16.52
N ASN B 389 -27.17 -3.62 16.15
CA ASN B 389 -25.62 -4.90 17.22
CA ASN B 389 -26.36 -4.26 17.19
C ASN B 389 -25.26 -6.06 16.26
C ASN B 389 -25.87 -5.62 16.76
N ALA B 390 -24.15 -6.73 16.51
N ALA B 390 -24.85 -6.13 17.52
CA ALA B 390 -23.86 -8.02 15.88
CA ALA B 390 -24.16 -7.42 17.20
C ALA B 390 -25.13 -8.92 16.04
C ALA B 390 -25.01 -8.62 17.51
N PRO B 391 -25.46 -9.75 15.03
N PRO B 391 -24.68 -9.72 16.85
CA PRO B 391 -26.62 -10.65 15.18
CA PRO B 391 -25.56 -10.90 16.79
C PRO B 391 -26.46 -11.61 16.36
C PRO B 391 -25.84 -11.61 18.12
N VAL B 392 -27.59 -12.06 16.93
N VAL B 392 -27.09 -12.07 18.26
CA VAL B 392 -27.62 -13.18 17.89
CA VAL B 392 -27.48 -13.01 19.31
C VAL B 392 -28.62 -14.23 17.38
C VAL B 392 -28.44 -14.04 18.69
N ASN B 393 -28.63 -15.43 18.01
N ASN B 393 -28.09 -15.33 18.79
CA ASN B 393 -29.64 -16.46 17.73
CA ASN B 393 -28.90 -16.40 18.15
C ASN B 393 -31.06 -16.05 18.15
C ASN B 393 -30.31 -16.45 18.74
N TYR B 394 -32.06 -16.38 17.30
N TYR B 394 -31.30 -16.64 17.86
CA TYR B 394 -33.44 -16.19 17.67
CA TYR B 394 -32.71 -16.60 18.25
C TYR B 394 -33.77 -17.22 18.75
C TYR B 394 -33.04 -17.67 19.26
N LYS B 395 -34.41 -16.75 19.82
N LYS B 395 -33.68 -17.26 20.36
CA LYS B 395 -35.06 -17.58 20.85
CA LYS B 395 -34.24 -18.19 21.32
C LYS B 395 -36.43 -17.03 21.10
C LYS B 395 -35.76 -18.00 21.34
N ALA B 396 -37.38 -17.87 21.54
N ALA B 396 -36.32 -17.95 22.55
CA ALA B 396 -38.69 -17.37 21.96
CA ALA B 396 -37.73 -17.61 22.73
C ALA B 396 -38.45 -16.27 22.99
C ALA B 396 -37.80 -16.44 23.71
N ASN B 397 -37.53 -16.54 23.93
N ASN B 397 -36.64 -16.09 24.24
CA ASN B 397 -37.23 -15.61 24.97
CA ASN B 397 -36.54 -15.07 25.28
C ASN B 397 -35.80 -15.12 24.84
C ASN B 397 -35.20 -14.27 25.18
N VAL B 398 -35.66 -13.84 24.37
N VAL B 398 -35.20 -13.21 24.37
CA VAL B 398 -34.36 -13.15 24.13
CA VAL B 398 -34.00 -12.46 24.11
C VAL B 398 -34.25 -11.95 25.02
C VAL B 398 -33.77 -11.55 25.32
N SER B 399 -33.11 -11.76 25.61
N SER B 399 -32.53 -11.42 25.73
CA SER B 399 -32.84 -10.56 26.38
CA SER B 399 -32.20 -10.50 26.83
C SER B 399 -31.51 -9.94 25.94
C SER B 399 -30.75 -9.99 26.80
N ILE B 400 -31.44 -8.61 25.92
N ILE B 400 -30.60 -8.66 26.91
CA ILE B 400 -30.17 -7.92 25.70
CA ILE B 400 -29.28 -8.02 26.79
C ILE B 400 -30.02 -6.77 26.73
C ILE B 400 -29.14 -6.78 27.74
N PRO B 401 -28.81 -6.48 27.08
N PRO B 401 -27.90 -6.44 28.13
CA PRO B 401 -28.52 -5.38 27.99
CA PRO B 401 -27.64 -5.23 28.92
C PRO B 401 -28.66 -4.00 27.35
C PRO B 401 -27.92 -4.00 28.13
N ASN B 402 -29.21 -3.06 28.13
N ASN B 402 -28.58 -3.06 28.78
CA ASN B 402 -29.22 -1.64 27.82
CA ASN B 402 -28.75 -1.73 28.27
C ASN B 402 -27.89 -1.02 28.28
C ASN B 402 -27.39 -1.06 28.35
N THR B 403 -27.18 -0.38 27.35
N THR B 403 -27.03 -0.35 27.28
CA THR B 403 -25.89 0.28 27.68
CA THR B 403 -25.73 0.36 27.21
C THR B 403 -25.92 1.82 27.40
C THR B 403 -25.90 1.86 27.05
N VAL B 404 -27.12 2.35 27.08
CA VAL B 404 -27.32 3.77 26.75
C VAL B 404 -27.17 4.59 28.05
N LYS B 405 -26.18 5.47 28.10
N LYS B 405 -26.12 5.43 28.12
N LYS B 405 -26.26 5.53 28.04
CA LYS B 405 -25.81 6.23 29.32
CA LYS B 405 -25.88 6.21 29.33
CA LYS B 405 -25.83 6.20 29.23
C LYS B 405 -25.99 7.71 29.06
C LYS B 405 -25.92 7.71 29.10
C LYS B 405 -25.93 7.73 29.06
N ASN B 406 -26.63 8.39 30.00
CA ASN B 406 -26.73 9.81 30.01
C ASN B 406 -25.42 10.44 30.52
N VAL B 407 -25.35 11.77 30.44
CA VAL B 407 -24.17 12.50 30.82
C VAL B 407 -23.81 12.29 32.30
N THR B 408 -24.81 11.97 33.10
CA THR B 408 -24.64 11.64 34.56
C THR B 408 -24.09 10.28 34.82
N GLY B 409 -24.01 9.45 33.77
CA GLY B 409 -23.66 8.06 33.94
C GLY B 409 -24.81 7.17 34.17
N ALA B 410 -26.02 7.72 34.35
CA ALA B 410 -27.22 6.85 34.53
C ALA B 410 -27.68 6.21 33.21
N LEU B 411 -28.12 4.94 33.24
CA LEU B 411 -28.73 4.33 32.12
C LEU B 411 -30.03 5.01 31.80
N ILE B 412 -30.28 5.17 30.51
CA ILE B 412 -31.52 5.71 30.04
C ILE B 412 -32.45 4.56 29.66
N ALA B 413 -33.65 4.53 30.23
CA ALA B 413 -34.58 3.44 29.95
C ALA B 413 -35.06 3.58 28.54
N PRO B 414 -35.29 2.47 27.84
CA PRO B 414 -35.91 2.58 26.54
C PRO B 414 -37.22 3.30 26.54
N ALA B 415 -37.49 4.04 25.45
N ALA B 415 -37.45 4.08 25.50
CA ALA B 415 -38.76 4.81 25.24
CA ALA B 415 -38.74 4.63 25.24
C ALA B 415 -39.84 3.97 24.55
C ALA B 415 -39.61 3.50 24.72
N THR B 416 -39.43 3.18 23.61
N THR B 416 -39.05 2.69 23.81
CA THR B 416 -40.30 2.15 23.02
CA THR B 416 -39.77 1.51 23.27
C THR B 416 -39.52 0.89 22.79
C THR B 416 -38.88 0.27 23.19
N ILE B 417 -40.22 -0.22 22.76
N ILE B 417 -39.52 -0.89 23.17
CA ILE B 417 -39.62 -1.51 22.53
CA ILE B 417 -38.82 -2.14 23.01
C ILE B 417 -40.52 -2.29 21.60
C ILE B 417 -39.61 -2.99 22.07
N SER B 418 -39.94 -2.83 20.58
N SER B 418 -38.99 -3.37 20.95
CA SER B 418 -40.70 -3.54 19.53
CA SER B 418 -39.68 -4.10 19.94
C SER B 418 -41.30 -4.86 20.05
C SER B 418 -40.29 -5.33 20.55
N ASP B 419 -42.24 -5.46 19.25
N ASP B 419 -40.89 -6.16 19.72
CA ASP B 419 -42.71 -6.89 19.47
CA ASP B 419 -41.40 -7.48 20.15
C ASP B 419 -43.10 -7.18 20.90
C ASP B 419 -41.76 -7.62 21.67
N GLY B 420 -43.63 -6.15 21.59
N GLY B 420 -42.12 -6.51 22.38
CA GLY B 420 -44.15 -6.28 22.96
CA GLY B 420 -42.78 -6.61 23.69
C GLY B 420 -43.09 -6.39 24.04
C GLY B 420 -41.81 -7.00 24.69
N GLY B 421 -41.85 -5.97 23.70
N GLY B 421 -40.57 -6.66 24.39
CA GLY B 421 -40.74 -6.08 24.63
CA GLY B 421 -39.51 -6.79 25.33
C GLY B 421 -40.95 -5.31 25.91
C GLY B 421 -39.84 -5.95 26.49
N SER B 422 -40.18 -5.68 26.92
N SER B 422 -39.21 -6.26 27.57
CA SER B 422 -40.29 -5.07 28.24
CA SER B 422 -39.43 -5.54 28.78
C SER B 422 -38.90 -4.77 28.82
C SER B 422 -38.14 -4.96 29.25
N TYR B 423 -38.88 -4.05 29.93
N TYR B 423 -38.24 -3.84 29.90
CA TYR B 423 -37.60 -3.53 30.52
CA TYR B 423 -37.11 -3.29 30.55
C TYR B 423 -37.57 -3.48 32.05
C TYR B 423 -37.33 -3.28 32.02
N THR B 424 -36.45 -3.97 32.67
CA THR B 424 -36.18 -3.77 34.06
C THR B 424 -34.68 -3.57 34.14
N GLU B 425 -34.25 -2.34 34.49
N GLU B 425 -34.21 -2.38 34.57
CA GLU B 425 -32.86 -1.97 34.54
CA GLU B 425 -32.73 -1.99 34.50
C GLU B 425 -32.07 -3.18 34.96
C GLU B 425 -31.83 -2.94 35.33
N PRO B 426 -31.14 -3.65 34.12
N PRO B 426 -30.63 -3.32 34.80
CA PRO B 426 -30.77 -3.05 32.83
CA PRO B 426 -30.07 -2.82 33.54
C PRO B 426 -31.23 -3.82 31.53
C PRO B 426 -30.36 -3.71 32.31
N ASP B 427 -32.14 -4.78 31.67
N ASP B 427 -31.28 -4.64 32.44
CA ASP B 427 -32.37 -5.75 30.61
CA ASP B 427 -31.46 -5.66 31.40
C ASP B 427 -33.59 -5.51 29.77
C ASP B 427 -32.73 -5.49 30.58
N ILE B 428 -33.41 -5.57 28.44
N ILE B 428 -32.59 -5.69 29.29
CA ILE B 428 -34.54 -5.50 27.52
CA ILE B 428 -33.72 -5.64 28.38
C ILE B 428 -34.90 -6.91 27.07
C ILE B 428 -34.03 -7.06 27.99
N THR B 429 -36.14 -7.28 27.28
N THR B 429 -35.26 -7.49 28.21
CA THR B 429 -36.54 -8.67 27.04
CA THR B 429 -35.64 -8.87 27.88
C THR B 429 -37.79 -8.81 26.15
C THR B 429 -36.74 -8.93 26.85
N TRP B 430 -37.79 -9.89 25.33
N TRP B 430 -36.84 -10.10 26.19
CA TRP B 430 -38.85 -10.19 24.42
CA TRP B 430 -37.79 -10.32 25.09
C TRP B 430 -39.28 -11.59 24.63
C TRP B 430 -38.67 -11.59 25.27
N ASN B 431 -40.60 -11.81 24.46
N ASN B 431 -39.61 -11.79 24.34
CA ASN B 431 -41.13 -13.14 24.23
CA ASN B 431 -40.43 -13.02 24.30
C ASN B 431 -41.65 -13.17 22.83
C ASN B 431 -40.79 -13.40 22.87
N LEU B 432 -40.99 -13.97 22.01
CA LEU B 432 -41.28 -14.03 20.58
CA LEU B 432 -40.44 -15.18 21.51
C LEU B 432 -41.77 -15.44 20.29
C LEU B 432 -41.12 -16.52 21.17
N PRO B 433 -43.11 -15.64 20.20
N PRO B 433 -42.40 -16.45 20.80
CA PRO B 433 -43.68 -17.01 20.05
CA PRO B 433 -43.13 -17.63 20.33
C PRO B 433 -43.09 -17.79 18.87
C PRO B 433 -43.15 -17.78 18.76
N SER B 434 -42.80 -17.10 17.75
N SER B 434 -42.15 -17.20 18.08
CA SER B 434 -42.17 -17.73 16.58
CA SER B 434 -42.06 -17.29 16.61
C SER B 434 -40.97 -16.92 16.08
C SER B 434 -41.01 -16.31 16.03
N TYR B 435 -40.20 -17.49 15.14
N TYR B 435 -39.82 -17.08 14.91
CA TYR B 435 -39.10 -16.78 14.51
CA TYR B 435 -38.58 -16.44 14.50
C TYR B 435 -39.59 -15.49 13.85
C TYR B 435 -38.82 -15.01 14.00
N THR B 436 -38.55 -14.09 14.59
N THR B 436 -37.95 -14.78 14.28
CA THR B 436 -38.62 -12.88 13.76
CA THR B 436 -37.78 -13.46 13.58
C THR B 436 -37.20 -12.51 13.45
C THR B 436 -36.29 -13.04 13.48
N ASN B 437 -36.96 -11.87 12.29
N ASN B 437 -36.05 -11.97 12.75
CA ASN B 437 -35.56 -11.63 11.83
CA ASN B 437 -34.68 -11.55 12.41
C ASN B 437 -34.86 -10.44 12.55
C ASN B 437 -34.00 -10.76 13.52
N GLU B 438 -35.64 -9.66 13.29
N GLU B 438 -34.70 -9.78 14.06
CA GLU B 438 -35.07 -8.59 14.11
CA GLU B 438 -34.08 -8.83 14.98
C GLU B 438 -36.02 -8.14 15.21
C GLU B 438 -34.90 -8.57 16.22
N VAL B 439 -35.45 -7.59 16.26
N VAL B 439 -34.25 -7.90 17.16
CA VAL B 439 -36.21 -6.84 17.24
CA VAL B 439 -34.95 -7.16 18.20
C VAL B 439 -35.49 -5.55 17.39
C VAL B 439 -34.22 -5.77 18.37
N SER B 440 -36.09 -4.57 18.10
N SER B 440 -34.82 -4.83 19.11
CA SER B 440 -35.50 -3.21 18.18
CA SER B 440 -34.32 -3.45 19.16
C SER B 440 -36.08 -2.41 19.30
C SER B 440 -35.15 -2.69 20.06
N TYR B 441 -35.41 -1.32 19.63
N TYR B 441 -34.60 -1.56 20.44
CA TYR B 441 -35.90 -0.43 20.62
CA TYR B 441 -35.33 -0.61 21.23
C TYR B 441 -35.38 0.97 20.41
C TYR B 441 -35.01 0.85 20.77
N THR B 442 -35.88 1.85 21.19
CA THR B 442 -35.53 3.26 21.06
C THR B 442 -35.32 3.82 22.42
N PHE B 443 -34.59 4.94 22.45
CA PHE B 443 -34.47 5.76 23.66
C PHE B 443 -34.69 7.22 23.23
N SER B 444 -35.12 8.05 24.16
CA SER B 444 -35.39 9.45 23.89
C SER B 444 -35.33 10.22 25.22
N GLN B 445 -34.27 10.98 25.42
CA GLN B 445 -34.00 11.62 26.71
C GLN B 445 -33.54 13.05 26.48
N PRO B 446 -34.38 14.00 26.79
CA PRO B 446 -33.93 15.38 26.84
C PRO B 446 -32.73 15.52 27.75
N VAL B 447 -31.80 16.36 27.38
CA VAL B 447 -30.61 16.59 28.17
C VAL B 447 -30.03 17.96 27.88
N THR B 448 -29.47 18.59 28.91
CA THR B 448 -28.79 19.83 28.84
C THR B 448 -27.35 19.65 29.37
N ILE B 449 -26.37 20.20 28.64
CA ILE B 449 -25.01 20.30 29.11
C ILE B 449 -24.63 21.77 29.01
N GLY B 450 -24.17 22.37 30.08
CA GLY B 450 -24.03 23.77 30.18
C GLY B 450 -25.34 24.42 30.05
N LYS B 451 -25.53 25.16 28.99
CA LYS B 451 -26.81 25.77 28.67
C LYS B 451 -27.42 25.20 27.40
N GLY B 452 -26.74 24.26 26.75
CA GLY B 452 -27.24 23.71 25.49
C GLY B 452 -28.11 22.54 25.72
N THR B 453 -29.27 22.53 25.08
N THR B 453 -29.30 22.55 25.10
CA THR B 453 -30.22 21.49 25.27
CA THR B 453 -30.31 21.51 25.30
C THR B 453 -30.56 20.76 24.00
C THR B 453 -30.63 20.78 24.02
N THR B 454 -30.87 19.46 24.14
CA THR B 454 -31.23 18.65 23.01
C THR B 454 -32.04 17.47 23.50
N THR B 455 -32.38 16.55 22.62
CA THR B 455 -32.84 15.25 22.98
C THR B 455 -31.83 14.26 22.53
N PHE B 456 -31.35 13.45 23.43
CA PHE B 456 -30.44 12.35 23.09
C PHE B 456 -31.36 11.15 22.83
N SER B 457 -31.45 10.75 21.58
CA SER B 457 -32.38 9.72 21.21
C SER B 457 -31.69 8.80 20.23
N GLY B 458 -32.32 7.65 20.00
N GLY B 458 -32.17 7.54 20.14
CA GLY B 458 -31.84 6.74 19.00
CA GLY B 458 -31.58 6.59 19.20
C GLY B 458 -32.72 5.58 18.80
C GLY B 458 -32.27 5.26 19.13
N THR B 459 -32.36 4.78 17.83
N THR B 459 -31.82 4.42 18.21
CA THR B 459 -33.04 3.53 17.53
CA THR B 459 -32.38 3.11 17.97
C THR B 459 -31.98 2.50 17.41
C THR B 459 -31.26 2.09 17.94
N VAL B 460 -32.16 1.40 18.14
N VAL B 460 -31.40 1.06 18.77
CA VAL B 460 -31.21 0.34 18.16
CA VAL B 460 -30.38 0.07 18.96
C VAL B 460 -31.83 -0.95 17.60
C VAL B 460 -30.86 -1.23 18.35
N THR B 461 -31.13 -1.56 16.69
N THR B 461 -30.09 -1.75 17.43
CA THR B 461 -31.65 -2.72 15.96
CA THR B 461 -30.45 -2.91 16.75
C THR B 461 -30.88 -3.97 16.31
C THR B 461 -29.63 -4.11 17.32
N GLN B 462 -31.62 -5.08 16.67
N GLN B 462 -30.35 -5.22 17.64
CA GLN B 462 -31.03 -6.37 17.06
CA GLN B 462 -29.73 -6.45 18.21
C GLN B 462 -31.38 -7.47 16.05
C GLN B 462 -29.99 -7.73 17.30
N PRO B 463 -30.49 -7.82 15.12
N PRO B 463 -29.02 -8.09 16.47
CA PRO B 463 -30.81 -8.89 14.17
CA PRO B 463 -29.11 -9.27 15.59
C PRO B 463 -30.85 -10.22 14.89
C PRO B 463 -29.15 -10.65 16.32
N LEU B 464 -31.74 -11.08 14.42
N LEU B 464 -29.55 -11.70 15.57
CA LEU B 464 -31.89 -12.38 14.97
CA LEU B 464 -29.70 -13.10 16.11
C LEU B 464 -31.71 -13.37 13.86
C LEU B 464 -29.34 -14.18 15.02
N LYS B 465 -30.75 -14.28 14.08
N LYS B 465 -30.23 -15.18 14.80
CA LYS B 465 -30.42 -15.32 13.13
CA LYS B 465 -30.06 -16.18 13.73
C LYS B 465 -31.38 -16.46 13.29
C LYS B 465 -31.38 -16.92 13.45
N ALA B 466 -31.70 -17.13 12.17
CA CA C . 36.43 -23.28 -0.98
CA CA D . -12.01 36.01 9.17
#